data_9KP0
#
_entry.id   9KP0
#
_cell.length_a   59.110
_cell.length_b   64.590
_cell.length_c   73.160
_cell.angle_alpha   101.387
_cell.angle_beta   107.961
_cell.angle_gamma   97.000
#
_symmetry.space_group_name_H-M   'P 1'
#
loop_
_entity.id
_entity.type
_entity.pdbx_description
1 polymer '4-hydroxyphenylpyruvate dioxygenase'
2 non-polymer 'COBALT (II) ION'
3 non-polymer 'ACETIC ACID'
4 non-polymer 'ZINC ION'
5 water water
#
_entity_poly.entity_id   1
_entity_poly.type   'polypeptide(L)'
_entity_poly.pdbx_seq_one_letter_code
;APPTPTPTATTGAVSAAAAAGENAGFRLVGHRRFVRANPRSDRFQALAFHHVELWCADAASAAGRFAFALGAPLAARSDL
STGNSAHASLLLRSASVAFLFTAPYGGDHGVGADAATTASIPSFSPGAARRFAADHGLAVHAVALRVADAADAFRASVAA
GARPAFQPADLGGGFGLAEVELYGDVVLRFVSHPDGADAPFLPGFEGVSNPGAVDYGLRRFDHVVGNVPELAPVAAYISG
FTGFHEFAEFTAEDVGTAESGLNSVVLANNAETVLLPLNEPVHGTKRRSQIQTYLDHHGGPGVQHIALASDDVLGTLREM
RARSAMGGFEFLAPPPPNYYDGVRRRAGDVLSEEQINECQELGVLVDRDDQGVLLQIFTKPVGDRPTFFLEMIQRIGCME
KDESGQEYQKGGCGGFGKGNFSELFKSIEEYEKSLEAKQAPTVQGS
;
_entity_poly.pdbx_strand_id   A,B
#
# COMPACT_ATOMS: atom_id res chain seq x y z
N LEU A 28 23.23 30.83 -12.78
CA LEU A 28 21.83 30.78 -13.28
C LEU A 28 21.45 32.14 -13.88
N VAL A 29 20.91 32.12 -15.09
CA VAL A 29 20.46 33.31 -15.79
C VAL A 29 18.94 33.29 -16.03
N GLY A 30 18.30 32.15 -15.79
CA GLY A 30 16.86 32.05 -15.98
C GLY A 30 16.50 31.44 -17.33
N HIS A 31 15.22 31.07 -17.46
CA HIS A 31 14.75 30.22 -18.55
C HIS A 31 14.84 30.93 -19.90
N ARG A 32 14.61 32.25 -19.89
CA ARG A 32 14.52 33.02 -21.12
C ARG A 32 15.93 33.26 -21.69
N ARG A 33 16.89 33.56 -20.82
CA ARG A 33 18.23 33.93 -21.22
C ARG A 33 19.12 32.70 -21.43
N PHE A 34 18.66 31.52 -20.99
CA PHE A 34 19.45 30.31 -21.14
C PHE A 34 19.43 29.88 -22.60
N VAL A 35 20.62 29.59 -23.13
CA VAL A 35 20.77 29.26 -24.55
C VAL A 35 21.00 27.76 -24.67
N ARG A 36 20.04 27.09 -25.34
CA ARG A 36 20.04 25.64 -25.46
C ARG A 36 21.24 25.21 -26.29
N ALA A 37 21.98 24.24 -25.74
CA ALA A 37 23.12 23.65 -26.41
C ALA A 37 23.30 22.21 -25.92
N ASN A 38 23.61 21.30 -26.86
CA ASN A 38 23.82 19.90 -26.54
C ASN A 38 25.23 19.50 -26.97
N PRO A 39 26.19 19.43 -26.04
CA PRO A 39 27.55 19.01 -26.38
C PRO A 39 27.72 17.49 -26.54
N ARG A 40 26.66 16.73 -26.25
CA ARG A 40 26.70 15.28 -26.29
C ARG A 40 27.91 14.80 -25.50
N SER A 41 27.98 15.17 -24.22
CA SER A 41 29.19 14.94 -23.45
C SER A 41 29.04 13.78 -22.47
N ASP A 42 27.99 12.95 -22.60
CA ASP A 42 27.82 11.78 -21.75
C ASP A 42 29.11 10.98 -21.63
N ARG A 43 29.48 10.62 -20.40
CA ARG A 43 30.67 9.85 -20.12
C ARG A 43 30.43 8.34 -20.26
N PHE A 44 29.16 7.94 -20.40
CA PHE A 44 28.81 6.57 -20.71
C PHE A 44 27.54 6.57 -21.56
N GLN A 45 27.19 5.42 -22.13
CA GLN A 45 25.97 5.32 -22.92
C GLN A 45 24.75 5.21 -22.00
N ALA A 46 24.05 6.32 -21.80
CA ALA A 46 22.79 6.36 -21.06
C ALA A 46 21.63 6.16 -22.03
N LEU A 47 21.20 4.90 -22.17
CA LEU A 47 20.26 4.52 -23.20
C LEU A 47 18.85 4.97 -22.85
N ALA A 48 18.43 4.77 -21.59
CA ALA A 48 17.07 5.03 -21.18
C ALA A 48 16.94 4.95 -19.65
N PHE A 49 15.82 5.42 -19.11
CA PHE A 49 15.38 4.98 -17.80
C PHE A 49 15.03 3.50 -17.88
N HIS A 50 15.39 2.74 -16.83
CA HIS A 50 15.12 1.31 -16.77
C HIS A 50 14.01 1.04 -15.77
N HIS A 51 14.18 1.56 -14.55
CA HIS A 51 13.15 1.47 -13.52
C HIS A 51 13.42 2.50 -12.43
N VAL A 52 12.45 2.61 -11.53
CA VAL A 52 12.65 3.33 -10.28
C VAL A 52 12.31 2.39 -9.14
N GLU A 53 13.16 2.34 -8.11
CA GLU A 53 12.91 1.47 -6.98
C GLU A 53 12.48 2.27 -5.75
N LEU A 54 11.34 1.90 -5.18
CA LEU A 54 10.93 2.38 -3.88
C LEU A 54 11.28 1.34 -2.82
N TRP A 55 12.03 1.78 -1.79
CA TRP A 55 12.25 0.97 -0.62
C TRP A 55 11.09 1.18 0.35
N CYS A 56 10.49 0.05 0.77
CA CYS A 56 9.25 0.02 1.53
C CYS A 56 9.43 -0.81 2.80
N ALA A 57 8.71 -0.48 3.87
CA ALA A 57 8.53 -1.45 4.95
C ALA A 57 7.38 -2.39 4.57
N ASP A 58 6.57 -1.96 3.58
CA ASP A 58 5.42 -2.74 3.13
C ASP A 58 5.28 -2.63 1.61
N ALA A 59 5.91 -3.56 0.87
CA ALA A 59 5.95 -3.49 -0.57
C ALA A 59 4.58 -3.79 -1.17
N ALA A 60 3.89 -4.80 -0.63
CA ALA A 60 2.62 -5.29 -1.17
C ALA A 60 1.57 -4.18 -1.22
N SER A 61 1.48 -3.36 -0.17
CA SER A 61 0.45 -2.33 -0.09
C SER A 61 0.67 -1.28 -1.17
N ALA A 62 1.91 -0.83 -1.31
CA ALA A 62 2.25 0.22 -2.26
C ALA A 62 2.08 -0.26 -3.71
N ALA A 63 2.58 -1.46 -4.01
CA ALA A 63 2.56 -1.99 -5.36
C ALA A 63 1.12 -2.24 -5.78
N GLY A 64 0.30 -2.71 -4.82
CA GLY A 64 -1.10 -2.98 -5.06
C GLY A 64 -1.87 -1.71 -5.42
N ARG A 65 -1.66 -0.65 -4.63
CA ARG A 65 -2.34 0.61 -4.90
C ARG A 65 -1.85 1.22 -6.21
N PHE A 66 -0.53 1.24 -6.42
CA PHE A 66 0.03 1.84 -7.62
C PHE A 66 -0.48 1.09 -8.87
N ALA A 67 -0.64 -0.23 -8.78
CA ALA A 67 -1.00 -1.02 -9.94
C ALA A 67 -2.33 -0.54 -10.51
N PHE A 68 -3.34 -0.40 -9.64
CA PHE A 68 -4.65 0.02 -10.13
C PHE A 68 -4.75 1.53 -10.22
N ALA A 69 -3.95 2.30 -9.46
CA ALA A 69 -4.00 3.75 -9.59
C ALA A 69 -3.43 4.19 -10.95
N LEU A 70 -2.41 3.48 -11.44
CA LEU A 70 -1.66 3.89 -12.62
C LEU A 70 -1.99 3.05 -13.85
N GLY A 71 -2.72 1.93 -13.67
CA GLY A 71 -2.86 0.97 -14.74
C GLY A 71 -1.50 0.36 -15.11
N ALA A 72 -0.77 -0.05 -14.08
CA ALA A 72 0.55 -0.65 -14.24
C ALA A 72 0.54 -2.03 -13.58
N PRO A 73 0.03 -3.07 -14.26
CA PRO A 73 -0.14 -4.38 -13.65
C PRO A 73 1.18 -5.02 -13.22
N LEU A 74 1.08 -5.92 -12.24
CA LEU A 74 2.22 -6.68 -11.78
C LEU A 74 2.78 -7.48 -12.94
N ALA A 75 4.11 -7.37 -13.13
CA ALA A 75 4.77 -7.98 -14.27
C ALA A 75 5.84 -8.98 -13.83
N ALA A 76 6.35 -8.88 -12.60
CA ALA A 76 7.42 -9.75 -12.16
C ALA A 76 7.58 -9.66 -10.64
N ARG A 77 8.10 -10.73 -10.04
CA ARG A 77 8.35 -10.75 -8.61
C ARG A 77 9.60 -11.55 -8.30
N SER A 78 10.22 -11.15 -7.19
CA SER A 78 11.32 -11.87 -6.57
C SER A 78 11.07 -11.83 -5.07
N ASP A 79 10.74 -13.00 -4.52
CA ASP A 79 10.26 -13.08 -3.16
C ASP A 79 10.28 -14.56 -2.76
N LEU A 80 9.65 -14.87 -1.63
CA LEU A 80 9.73 -16.19 -1.04
C LEU A 80 9.21 -17.23 -2.02
N SER A 81 8.23 -16.84 -2.84
CA SER A 81 7.64 -17.72 -3.84
C SER A 81 8.57 -17.96 -5.04
N THR A 82 9.71 -17.24 -5.13
CA THR A 82 10.70 -17.48 -6.16
C THR A 82 12.04 -17.90 -5.54
N GLY A 83 12.05 -18.12 -4.22
CA GLY A 83 13.23 -18.67 -3.54
C GLY A 83 14.07 -17.58 -2.87
N ASN A 84 13.58 -16.35 -2.91
CA ASN A 84 14.30 -15.22 -2.35
C ASN A 84 13.78 -14.95 -0.93
N SER A 85 14.62 -15.23 0.06
CA SER A 85 14.28 -15.03 1.44
C SER A 85 14.94 -13.76 2.00
N ALA A 86 15.61 -12.99 1.15
CA ALA A 86 16.31 -11.78 1.57
C ALA A 86 15.43 -10.53 1.43
N HIS A 87 14.71 -10.42 0.31
CA HIS A 87 13.84 -9.27 0.13
C HIS A 87 12.63 -9.68 -0.70
N ALA A 88 11.54 -8.92 -0.50
CA ALA A 88 10.32 -9.08 -1.27
C ALA A 88 10.22 -7.93 -2.27
N SER A 89 10.30 -8.27 -3.56
CA SER A 89 10.30 -7.30 -4.64
C SER A 89 9.15 -7.57 -5.60
N LEU A 90 8.40 -6.51 -5.93
CA LEU A 90 7.32 -6.56 -6.89
C LEU A 90 7.60 -5.52 -7.97
N LEU A 91 7.43 -5.94 -9.23
CA LEU A 91 7.68 -5.05 -10.35
C LEU A 91 6.36 -4.81 -11.09
N LEU A 92 5.97 -3.52 -11.18
CA LEU A 92 4.86 -3.08 -12.00
C LEU A 92 5.40 -2.54 -13.32
N ARG A 93 4.63 -2.75 -14.40
CA ARG A 93 4.96 -2.24 -15.72
C ARG A 93 3.73 -1.69 -16.43
N SER A 94 3.86 -0.49 -16.98
CA SER A 94 3.05 -0.03 -18.09
C SER A 94 3.99 0.32 -19.24
N ALA A 95 4.04 -0.56 -20.25
CA ALA A 95 5.02 -0.46 -21.34
C ALA A 95 6.41 -0.27 -20.75
N SER A 96 7.05 0.90 -20.96
CA SER A 96 8.42 1.11 -20.46
C SER A 96 8.43 1.72 -19.06
N VAL A 97 7.28 2.09 -18.51
CA VAL A 97 7.24 2.46 -17.10
C VAL A 97 7.41 1.20 -16.27
N ALA A 98 8.38 1.21 -15.33
CA ALA A 98 8.69 0.09 -14.46
C ALA A 98 8.92 0.58 -13.03
N PHE A 99 7.98 0.27 -12.11
CA PHE A 99 8.12 0.59 -10.70
C PHE A 99 8.47 -0.66 -9.90
N LEU A 100 9.60 -0.61 -9.19
CA LEU A 100 10.03 -1.70 -8.33
C LEU A 100 9.77 -1.33 -6.88
N PHE A 101 9.10 -2.22 -6.15
CA PHE A 101 8.84 -2.05 -4.73
C PHE A 101 9.51 -3.18 -3.96
N THR A 102 10.40 -2.83 -3.03
CA THR A 102 11.20 -3.79 -2.30
C THR A 102 11.10 -3.49 -0.81
N ALA A 103 10.89 -4.56 -0.02
CA ALA A 103 10.88 -4.49 1.43
C ALA A 103 11.78 -5.59 1.99
N PRO A 104 12.45 -5.38 3.15
CA PRO A 104 13.17 -6.46 3.82
C PRO A 104 12.22 -7.48 4.41
N TYR A 105 12.64 -8.75 4.45
CA TYR A 105 11.92 -9.74 5.23
C TYR A 105 12.37 -9.56 6.68
N GLY A 106 11.64 -10.17 7.62
CA GLY A 106 11.99 -10.09 9.04
C GLY A 106 13.34 -10.72 9.33
N ALA A 115 20.52 -16.83 3.36
CA ALA A 115 19.38 -15.90 3.12
C ALA A 115 19.83 -14.77 2.18
N ALA A 116 20.83 -14.00 2.63
CA ALA A 116 21.41 -12.93 1.83
C ALA A 116 21.85 -13.45 0.46
N THR A 117 22.21 -14.74 0.39
CA THR A 117 22.68 -15.34 -0.84
C THR A 117 21.52 -15.62 -1.82
N THR A 118 20.27 -15.50 -1.35
CA THR A 118 19.10 -15.75 -2.20
C THR A 118 18.59 -14.45 -2.82
N ALA A 119 19.27 -13.32 -2.55
CA ALA A 119 18.85 -12.03 -3.09
C ALA A 119 18.98 -12.03 -4.61
N SER A 120 18.04 -11.36 -5.29
CA SER A 120 18.14 -11.10 -6.71
C SER A 120 18.74 -9.72 -6.98
N ILE A 121 18.75 -8.85 -5.96
CA ILE A 121 19.36 -7.54 -6.05
C ILE A 121 20.49 -7.52 -5.04
N PRO A 122 21.76 -7.78 -5.43
CA PRO A 122 22.84 -7.97 -4.47
C PRO A 122 23.23 -6.72 -3.70
N SER A 123 22.75 -5.54 -4.13
CA SER A 123 23.00 -4.29 -3.43
C SER A 123 22.01 -4.10 -2.28
N PHE A 124 20.96 -4.91 -2.19
CA PHE A 124 19.97 -4.73 -1.14
C PHE A 124 20.63 -4.91 0.23
N SER A 125 20.33 -4.00 1.15
CA SER A 125 20.77 -4.13 2.54
C SER A 125 19.55 -4.01 3.46
N PRO A 126 19.17 -5.08 4.20
CA PRO A 126 17.97 -5.01 5.04
C PRO A 126 18.01 -3.89 6.06
N GLY A 127 19.18 -3.71 6.69
CA GLY A 127 19.42 -2.64 7.64
C GLY A 127 19.21 -1.25 7.05
N ALA A 128 19.79 -0.99 5.88
CA ALA A 128 19.66 0.32 5.26
C ALA A 128 18.21 0.56 4.85
N ALA A 129 17.54 -0.48 4.34
CA ALA A 129 16.15 -0.37 3.90
C ALA A 129 15.20 -0.10 5.07
N ARG A 130 15.50 -0.68 6.24
CA ARG A 130 14.66 -0.48 7.42
C ARG A 130 14.80 0.97 7.90
N ARG A 131 16.05 1.48 7.93
CA ARG A 131 16.31 2.83 8.38
C ARG A 131 15.69 3.82 7.40
N PHE A 132 15.74 3.49 6.11
CA PHE A 132 15.19 4.33 5.05
C PHE A 132 13.70 4.51 5.26
N ALA A 133 12.97 3.40 5.43
CA ALA A 133 11.53 3.41 5.62
C ALA A 133 11.12 4.18 6.88
N ALA A 134 11.86 4.00 7.98
CA ALA A 134 11.62 4.71 9.23
C ALA A 134 11.85 6.21 9.07
N ASP A 135 12.89 6.58 8.31
CA ASP A 135 13.27 7.99 8.14
C ASP A 135 12.32 8.72 7.19
N HIS A 136 11.84 8.03 6.13
CA HIS A 136 11.24 8.71 5.00
C HIS A 136 9.80 8.31 4.68
N GLY A 137 9.32 7.19 5.25
CA GLY A 137 8.13 6.55 4.74
C GLY A 137 8.30 6.16 3.28
N LEU A 138 7.19 6.12 2.53
CA LEU A 138 7.21 5.71 1.14
C LEU A 138 8.02 6.72 0.33
N ALA A 139 9.05 6.24 -0.36
CA ALA A 139 10.01 7.10 -1.04
C ALA A 139 10.87 6.29 -2.02
N VAL A 140 11.38 6.99 -3.03
CA VAL A 140 12.27 6.44 -4.04
C VAL A 140 13.69 6.31 -3.46
N HIS A 141 14.26 5.11 -3.62
CA HIS A 141 15.62 4.83 -3.18
C HIS A 141 16.59 4.81 -4.37
N ALA A 142 16.13 4.33 -5.53
CA ALA A 142 17.01 4.12 -6.67
C ALA A 142 16.35 4.63 -7.94
N VAL A 143 17.12 5.41 -8.71
CA VAL A 143 16.77 5.79 -10.07
C VAL A 143 17.68 5.01 -11.00
N ALA A 144 17.12 4.10 -11.81
CA ALA A 144 17.92 3.18 -12.59
C ALA A 144 17.90 3.54 -14.06
N LEU A 145 19.11 3.57 -14.65
CA LEU A 145 19.32 3.78 -16.06
C LEU A 145 19.75 2.48 -16.72
N ARG A 146 19.17 2.21 -17.90
CA ARG A 146 19.69 1.25 -18.84
C ARG A 146 20.95 1.86 -19.47
N VAL A 147 22.08 1.18 -19.29
CA VAL A 147 23.33 1.61 -19.90
C VAL A 147 23.88 0.48 -20.77
N ALA A 148 24.84 0.83 -21.65
CA ALA A 148 25.51 -0.18 -22.47
C ALA A 148 26.23 -1.19 -21.57
N ASP A 149 26.92 -0.71 -20.53
CA ASP A 149 27.54 -1.62 -19.59
C ASP A 149 27.68 -1.01 -18.20
N ALA A 150 27.22 -1.75 -17.18
CA ALA A 150 27.11 -1.23 -15.81
C ALA A 150 28.49 -0.90 -15.24
N ALA A 151 29.46 -1.80 -15.47
CA ALA A 151 30.83 -1.59 -14.98
C ALA A 151 31.46 -0.35 -15.62
N ASP A 152 31.24 -0.13 -16.94
CA ASP A 152 31.76 1.03 -17.63
C ASP A 152 31.21 2.31 -17.02
N ALA A 153 29.86 2.38 -16.90
CA ALA A 153 29.16 3.50 -16.29
C ALA A 153 29.71 3.82 -14.92
N PHE A 154 29.91 2.79 -14.09
CA PHE A 154 30.40 2.96 -12.74
C PHE A 154 31.82 3.52 -12.77
N ARG A 155 32.67 2.90 -13.60
CA ARG A 155 34.08 3.27 -13.70
C ARG A 155 34.24 4.70 -14.18
N ALA A 156 33.55 5.07 -15.26
CA ALA A 156 33.62 6.43 -15.79
C ALA A 156 33.06 7.44 -14.77
N SER A 157 32.00 7.04 -14.07
CA SER A 157 31.34 7.90 -13.09
C SER A 157 32.29 8.16 -11.91
N VAL A 158 32.85 7.11 -11.33
CA VAL A 158 33.72 7.26 -10.17
C VAL A 158 34.98 8.05 -10.53
N ALA A 159 35.56 7.79 -11.71
CA ALA A 159 36.75 8.50 -12.15
C ALA A 159 36.47 10.00 -12.29
N ALA A 160 35.20 10.37 -12.50
CA ALA A 160 34.79 11.77 -12.63
C ALA A 160 34.08 12.26 -11.37
N GLY A 161 34.28 11.57 -10.25
CA GLY A 161 33.97 12.08 -8.91
C GLY A 161 32.74 11.45 -8.24
N ALA A 162 32.08 10.49 -8.90
CA ALA A 162 30.89 9.87 -8.33
C ALA A 162 31.24 9.16 -7.02
N ARG A 163 30.39 9.33 -6.00
CA ARG A 163 30.57 8.62 -4.75
C ARG A 163 30.06 7.20 -4.95
N PRO A 164 30.92 6.16 -4.82
CA PRO A 164 30.47 4.78 -5.02
C PRO A 164 29.45 4.30 -4.00
N ALA A 165 28.45 3.55 -4.46
CA ALA A 165 27.43 2.98 -3.58
C ALA A 165 27.49 1.46 -3.61
N PHE A 166 27.53 0.91 -4.82
CA PHE A 166 27.61 -0.53 -5.00
C PHE A 166 28.53 -0.84 -6.19
N GLN A 167 29.63 -1.54 -5.89
CA GLN A 167 30.63 -1.92 -6.87
C GLN A 167 30.00 -2.84 -7.91
N PRO A 168 30.42 -2.76 -9.20
CA PRO A 168 29.80 -3.56 -10.26
C PRO A 168 29.75 -5.05 -9.96
N ALA A 169 28.61 -5.67 -10.25
CA ALA A 169 28.44 -7.10 -10.09
C ALA A 169 27.77 -7.69 -11.33
N ASP A 170 28.17 -8.92 -11.65
CA ASP A 170 27.56 -9.74 -12.68
C ASP A 170 26.39 -10.48 -12.04
N LEU A 171 25.20 -10.39 -12.66
CA LEU A 171 24.02 -11.02 -12.11
C LEU A 171 23.75 -12.35 -12.80
N GLY A 172 24.55 -12.69 -13.82
CA GLY A 172 24.29 -13.85 -14.66
C GLY A 172 23.46 -13.46 -15.87
N GLY A 173 23.42 -14.34 -16.88
CA GLY A 173 22.68 -14.09 -18.10
C GLY A 173 23.12 -12.82 -18.84
N GLY A 174 24.32 -12.32 -18.56
CA GLY A 174 24.84 -11.14 -19.24
C GLY A 174 24.36 -9.83 -18.60
N PHE A 175 23.77 -9.90 -17.41
CA PHE A 175 23.31 -8.72 -16.68
C PHE A 175 24.42 -8.13 -15.81
N GLY A 176 24.55 -6.80 -15.86
CA GLY A 176 25.45 -6.05 -15.00
C GLY A 176 24.69 -5.04 -14.13
N LEU A 177 25.16 -4.87 -12.88
CA LEU A 177 24.53 -3.97 -11.93
C LEU A 177 25.59 -3.19 -11.17
N ALA A 178 25.41 -1.86 -11.07
CA ALA A 178 26.28 -1.02 -10.26
C ALA A 178 25.55 0.24 -9.80
N GLU A 179 26.05 0.87 -8.73
CA GLU A 179 25.35 2.01 -8.15
C GLU A 179 26.31 3.09 -7.67
N VAL A 180 25.90 4.36 -7.85
CA VAL A 180 26.63 5.50 -7.29
C VAL A 180 25.62 6.38 -6.57
N GLU A 181 26.13 7.30 -5.74
CA GLU A 181 25.26 8.21 -5.01
C GLU A 181 24.80 9.31 -5.96
N LEU A 182 23.51 9.65 -5.90
CA LEU A 182 22.92 10.67 -6.74
C LEU A 182 22.70 11.94 -5.91
N TYR A 183 21.83 11.86 -4.90
CA TYR A 183 21.61 12.93 -3.94
C TYR A 183 21.03 12.31 -2.66
N GLY A 184 21.53 12.80 -1.52
CA GLY A 184 21.21 12.20 -0.23
C GLY A 184 21.37 10.68 -0.28
N ASP A 185 20.30 9.98 0.12
CA ASP A 185 20.21 8.52 0.18
C ASP A 185 19.87 7.90 -1.18
N VAL A 186 19.48 8.72 -2.16
CA VAL A 186 19.07 8.19 -3.45
C VAL A 186 20.32 7.82 -4.26
N VAL A 187 20.28 6.62 -4.86
CA VAL A 187 21.38 6.13 -5.68
C VAL A 187 20.96 6.20 -7.14
N LEU A 188 21.94 6.44 -8.02
CA LEU A 188 21.78 6.22 -9.45
C LEU A 188 22.30 4.80 -9.76
N ARG A 189 21.39 3.98 -10.27
CA ARG A 189 21.66 2.57 -10.54
C ARG A 189 21.87 2.39 -12.04
N PHE A 190 22.89 1.61 -12.37
CA PHE A 190 23.17 1.24 -13.74
C PHE A 190 22.84 -0.23 -13.95
N VAL A 191 22.00 -0.48 -14.94
CA VAL A 191 21.65 -1.83 -15.36
C VAL A 191 22.06 -2.00 -16.82
N SER A 192 22.69 -3.13 -17.12
CA SER A 192 23.01 -3.49 -18.49
C SER A 192 22.60 -4.94 -18.69
N HIS A 193 22.09 -5.25 -19.89
CA HIS A 193 21.74 -6.61 -20.26
C HIS A 193 21.65 -6.72 -21.78
N PRO A 194 21.70 -7.96 -22.36
CA PRO A 194 21.55 -8.13 -23.80
C PRO A 194 20.17 -7.73 -24.27
N ASP A 195 20.07 -7.28 -25.52
CA ASP A 195 18.78 -7.14 -26.18
C ASP A 195 18.19 -8.55 -26.28
N GLY A 196 16.90 -8.69 -25.94
CA GLY A 196 16.29 -10.01 -25.86
C GLY A 196 14.78 -9.92 -25.70
N ALA A 197 14.06 -10.86 -26.32
CA ALA A 197 12.61 -10.83 -26.40
C ALA A 197 11.99 -11.05 -25.03
N ASP A 198 12.28 -12.20 -24.41
CA ASP A 198 11.72 -12.58 -23.12
C ASP A 198 12.84 -12.69 -22.08
N ALA A 199 13.62 -11.62 -21.95
CA ALA A 199 14.63 -11.50 -20.89
C ALA A 199 13.94 -10.99 -19.62
N PRO A 200 14.29 -11.52 -18.43
CA PRO A 200 13.61 -11.10 -17.20
C PRO A 200 14.05 -9.70 -16.79
N PHE A 201 13.28 -9.07 -15.88
CA PHE A 201 13.63 -7.75 -15.40
C PHE A 201 15.07 -7.75 -14.88
N LEU A 202 15.32 -8.68 -13.97
CA LEU A 202 16.64 -9.05 -13.50
C LEU A 202 16.63 -10.56 -13.30
N PRO A 203 17.77 -11.27 -13.47
CA PRO A 203 17.85 -12.69 -13.13
C PRO A 203 17.25 -13.00 -11.76
N GLY A 204 16.42 -14.05 -11.69
CA GLY A 204 15.80 -14.48 -10.46
C GLY A 204 14.38 -13.94 -10.30
N PHE A 205 13.99 -12.97 -11.16
CA PHE A 205 12.63 -12.47 -11.13
C PHE A 205 11.77 -13.36 -12.03
N GLU A 206 10.60 -13.78 -11.53
CA GLU A 206 9.69 -14.61 -12.30
C GLU A 206 8.62 -13.73 -12.93
N GLY A 207 8.28 -14.02 -14.18
CA GLY A 207 7.23 -13.33 -14.89
C GLY A 207 5.88 -13.51 -14.20
N VAL A 208 5.06 -12.45 -14.27
CA VAL A 208 3.66 -12.48 -13.88
C VAL A 208 2.86 -11.94 -15.07
N SER A 209 1.81 -12.67 -15.44
CA SER A 209 0.81 -12.17 -16.38
C SER A 209 -0.56 -12.51 -15.82
N ASN A 210 -1.22 -11.48 -15.26
CA ASN A 210 -2.57 -11.65 -14.76
C ASN A 210 -3.50 -11.64 -15.96
N PRO A 211 -4.39 -12.65 -16.09
CA PRO A 211 -5.54 -12.54 -16.99
C PRO A 211 -6.44 -11.36 -16.58
N GLY A 212 -6.77 -10.51 -17.55
CA GLY A 212 -7.65 -9.38 -17.31
C GLY A 212 -6.88 -8.13 -16.91
N ALA A 213 -5.55 -8.23 -16.77
CA ALA A 213 -4.73 -7.06 -16.54
C ALA A 213 -4.91 -6.08 -17.70
N VAL A 214 -4.95 -4.78 -17.39
CA VAL A 214 -5.02 -3.74 -18.39
C VAL A 214 -4.00 -2.65 -18.03
N ASP A 215 -3.75 -1.72 -18.95
CA ASP A 215 -3.02 -0.49 -18.64
C ASP A 215 -3.85 0.71 -19.07
N TYR A 216 -3.45 1.90 -18.62
CA TYR A 216 -4.16 3.13 -18.94
C TYR A 216 -3.35 3.98 -19.92
N GLY A 217 -2.39 3.38 -20.64
CA GLY A 217 -1.67 4.05 -21.72
C GLY A 217 -0.39 4.79 -21.29
N LEU A 218 0.10 4.61 -20.05
CA LEU A 218 1.38 5.17 -19.69
C LEU A 218 2.46 4.41 -20.45
N ARG A 219 3.44 5.14 -20.99
CA ARG A 219 4.36 4.57 -21.98
C ARG A 219 5.80 4.55 -21.49
N ARG A 220 6.24 5.59 -20.78
CA ARG A 220 7.64 5.72 -20.39
C ARG A 220 7.81 6.78 -19.31
N PHE A 221 8.94 6.69 -18.60
CA PHE A 221 9.37 7.72 -17.68
C PHE A 221 9.80 8.93 -18.50
N ASP A 222 9.42 10.13 -18.05
CA ASP A 222 9.81 11.35 -18.76
C ASP A 222 10.95 12.02 -18.02
N HIS A 223 10.74 12.30 -16.72
CA HIS A 223 11.75 12.93 -15.88
C HIS A 223 11.61 12.52 -14.42
N VAL A 224 12.72 12.61 -13.69
CA VAL A 224 12.78 12.28 -12.28
C VAL A 224 13.47 13.44 -11.57
N VAL A 225 12.81 13.99 -10.55
CA VAL A 225 13.15 15.29 -9.99
C VAL A 225 13.67 15.10 -8.57
N GLY A 226 14.81 15.73 -8.27
CA GLY A 226 15.39 15.70 -6.93
C GLY A 226 15.30 17.08 -6.27
N ASN A 227 14.87 17.10 -5.00
CA ASN A 227 14.95 18.29 -4.17
C ASN A 227 16.17 18.20 -3.25
N VAL A 228 16.92 19.30 -3.19
CA VAL A 228 18.15 19.38 -2.43
C VAL A 228 18.25 20.76 -1.80
N PRO A 229 19.01 20.92 -0.70
CA PRO A 229 19.16 22.23 -0.05
C PRO A 229 19.94 23.26 -0.88
N GLU A 230 20.91 22.78 -1.66
CA GLU A 230 21.78 23.66 -2.42
C GLU A 230 22.00 23.00 -3.77
N LEU A 231 21.56 23.71 -4.82
CA LEU A 231 21.56 23.20 -6.18
C LEU A 231 22.99 23.14 -6.75
N ALA A 232 23.76 24.22 -6.54
CA ALA A 232 25.06 24.37 -7.17
C ALA A 232 25.94 23.13 -6.99
N PRO A 233 26.20 22.66 -5.76
CA PRO A 233 27.07 21.49 -5.57
C PRO A 233 26.54 20.20 -6.20
N VAL A 234 25.23 19.98 -6.10
CA VAL A 234 24.62 18.77 -6.63
C VAL A 234 24.67 18.78 -8.17
N ALA A 235 24.30 19.90 -8.80
CA ALA A 235 24.34 20.00 -10.26
C ALA A 235 25.76 19.76 -10.78
N ALA A 236 26.77 20.37 -10.12
CA ALA A 236 28.16 20.23 -10.50
C ALA A 236 28.59 18.77 -10.38
N TYR A 237 28.14 18.12 -9.31
CA TYR A 237 28.50 16.74 -8.99
C TYR A 237 27.94 15.81 -10.07
N ILE A 238 26.64 15.91 -10.35
CA ILE A 238 25.99 14.98 -11.27
C ILE A 238 26.46 15.24 -12.71
N SER A 239 26.41 16.50 -13.18
CA SER A 239 26.92 16.83 -14.50
C SER A 239 28.38 16.38 -14.60
N GLY A 240 29.17 16.65 -13.55
CA GLY A 240 30.55 16.22 -13.46
C GLY A 240 30.72 14.74 -13.81
N PHE A 241 30.02 13.86 -13.09
CA PHE A 241 30.31 12.43 -13.16
C PHE A 241 29.62 11.76 -14.35
N THR A 242 28.48 12.31 -14.81
CA THR A 242 27.69 11.72 -15.90
C THR A 242 28.08 12.31 -17.25
N GLY A 243 28.48 13.59 -17.25
CA GLY A 243 28.65 14.33 -18.49
C GLY A 243 27.29 14.74 -19.09
N PHE A 244 26.22 14.58 -18.30
CA PHE A 244 24.91 15.09 -18.69
C PHE A 244 25.01 16.62 -18.79
N HIS A 245 24.28 17.19 -19.75
CA HIS A 245 24.39 18.60 -20.06
C HIS A 245 23.15 19.32 -19.56
N GLU A 246 23.26 20.65 -19.45
CA GLU A 246 22.13 21.46 -19.04
C GLU A 246 21.12 21.51 -20.19
N PHE A 247 19.85 21.22 -19.86
CA PHE A 247 18.75 21.16 -20.79
C PHE A 247 17.82 22.37 -20.61
N ALA A 248 17.71 22.85 -19.36
CA ALA A 248 16.81 23.94 -19.02
C ALA A 248 17.16 24.44 -17.63
N GLU A 249 16.75 25.67 -17.33
CA GLU A 249 16.89 26.20 -16.00
C GLU A 249 15.76 27.19 -15.71
N PHE A 250 15.47 27.36 -14.42
CA PHE A 250 14.42 28.24 -13.94
C PHE A 250 14.89 28.87 -12.64
N THR A 251 14.65 30.18 -12.50
CA THR A 251 14.93 30.90 -11.25
C THR A 251 13.61 31.23 -10.58
N ALA A 252 13.68 31.77 -9.36
CA ALA A 252 12.49 32.10 -8.61
C ALA A 252 11.61 33.09 -9.39
N GLU A 253 12.23 33.98 -10.17
CA GLU A 253 11.47 34.96 -10.93
C GLU A 253 10.70 34.30 -12.08
N ASP A 254 11.22 33.18 -12.59
CA ASP A 254 10.54 32.43 -13.62
C ASP A 254 9.28 31.75 -13.09
N VAL A 255 9.31 31.12 -11.90
CA VAL A 255 8.26 30.19 -11.55
C VAL A 255 7.65 30.42 -10.16
N GLY A 256 8.22 31.33 -9.35
CA GLY A 256 7.76 31.55 -8.00
C GLY A 256 6.47 32.35 -7.93
N THR A 257 5.97 32.52 -6.71
CA THR A 257 4.83 33.39 -6.45
C THR A 257 5.32 34.65 -5.76
N ALA A 258 4.38 35.50 -5.34
CA ALA A 258 4.73 36.68 -4.58
C ALA A 258 5.31 36.29 -3.22
N GLU A 259 5.10 35.04 -2.78
CA GLU A 259 5.44 34.67 -1.42
C GLU A 259 6.58 33.66 -1.30
N SER A 260 6.90 32.92 -2.38
CA SER A 260 7.92 31.88 -2.31
C SER A 260 8.46 31.53 -3.69
N GLY A 261 9.54 30.76 -3.72
CA GLY A 261 10.17 30.35 -4.97
C GLY A 261 11.10 29.16 -4.80
N LEU A 262 11.75 28.83 -5.93
CA LEU A 262 12.81 27.84 -6.00
C LEU A 262 13.75 28.24 -7.13
N ASN A 263 14.89 27.56 -7.22
CA ASN A 263 15.72 27.54 -8.41
C ASN A 263 15.80 26.10 -8.91
N SER A 264 15.89 25.92 -10.23
CA SER A 264 15.90 24.60 -10.87
C SER A 264 16.91 24.55 -12.01
N VAL A 265 17.60 23.41 -12.14
CA VAL A 265 18.34 23.10 -13.35
C VAL A 265 17.93 21.70 -13.81
N VAL A 266 17.91 21.49 -15.13
CA VAL A 266 17.61 20.17 -15.67
C VAL A 266 18.85 19.66 -16.41
N LEU A 267 19.26 18.43 -16.06
CA LEU A 267 20.36 17.74 -16.72
C LEU A 267 19.81 16.65 -17.64
N ALA A 268 20.54 16.42 -18.75
CA ALA A 268 20.05 15.56 -19.81
C ALA A 268 21.19 14.74 -20.40
N ASN A 269 20.86 13.50 -20.79
CA ASN A 269 21.77 12.66 -21.57
C ASN A 269 21.86 13.18 -23.02
N ASN A 270 22.70 12.53 -23.83
CA ASN A 270 22.94 12.95 -25.21
C ASN A 270 21.64 13.00 -26.02
N ALA A 271 20.76 12.01 -25.84
CA ALA A 271 19.55 11.92 -26.63
C ALA A 271 18.43 12.79 -26.04
N GLU A 272 18.68 13.35 -24.84
CA GLU A 272 17.69 14.14 -24.12
C GLU A 272 16.42 13.33 -23.90
N THR A 273 16.58 12.01 -23.61
CA THR A 273 15.51 11.11 -23.22
C THR A 273 15.52 10.84 -21.71
N VAL A 274 16.71 10.99 -21.09
CA VAL A 274 16.87 10.90 -19.66
C VAL A 274 17.06 12.31 -19.12
N LEU A 275 16.06 12.78 -18.35
CA LEU A 275 15.97 14.16 -17.87
C LEU A 275 15.86 14.14 -16.35
N LEU A 276 16.77 14.88 -15.71
CA LEU A 276 16.92 14.87 -14.26
C LEU A 276 16.88 16.30 -13.76
N PRO A 277 15.68 16.86 -13.49
CA PRO A 277 15.58 18.12 -12.78
C PRO A 277 16.08 18.05 -11.34
N LEU A 278 16.56 19.21 -10.86
CA LEU A 278 17.05 19.41 -9.52
C LEU A 278 16.49 20.74 -9.04
N ASN A 279 15.84 20.74 -7.88
CA ASN A 279 15.25 21.95 -7.31
C ASN A 279 15.92 22.27 -5.98
N GLU A 280 16.14 23.57 -5.72
CA GLU A 280 16.51 24.00 -4.38
C GLU A 280 15.50 25.02 -3.88
N PRO A 281 15.37 25.18 -2.55
CA PRO A 281 14.56 26.26 -2.00
C PRO A 281 15.24 27.62 -2.20
N VAL A 282 14.44 28.70 -2.18
CA VAL A 282 14.97 30.04 -1.99
C VAL A 282 14.44 30.52 -0.64
N HIS A 283 15.26 31.29 0.07
CA HIS A 283 14.99 31.71 1.44
C HIS A 283 14.72 33.22 1.48
N GLY A 284 14.32 33.71 2.68
CA GLY A 284 14.07 35.12 2.90
C GLY A 284 12.72 35.60 2.34
N THR A 285 11.82 34.67 1.98
CA THR A 285 10.52 35.02 1.40
C THR A 285 9.45 34.93 2.48
N LYS A 286 8.22 35.30 2.12
CA LYS A 286 7.13 35.48 3.07
C LYS A 286 6.67 34.12 3.58
N ARG A 287 6.67 33.11 2.69
CA ARG A 287 6.42 31.74 3.06
C ARG A 287 7.66 30.89 2.81
N ARG A 288 7.70 29.75 3.51
CA ARG A 288 8.67 28.69 3.24
C ARG A 288 8.46 28.16 1.82
N SER A 289 9.57 27.94 1.10
CA SER A 289 9.53 27.28 -0.19
C SER A 289 8.98 25.87 -0.05
N GLN A 290 8.09 25.48 -0.96
CA GLN A 290 7.63 24.10 -1.04
C GLN A 290 8.78 23.10 -1.16
N ILE A 291 9.93 23.52 -1.71
CA ILE A 291 11.10 22.66 -1.78
C ILE A 291 11.64 22.46 -0.37
N GLN A 292 11.58 23.50 0.46
CA GLN A 292 12.02 23.36 1.85
C GLN A 292 10.98 22.57 2.64
N THR A 293 9.69 22.70 2.28
CA THR A 293 8.64 21.91 2.90
C THR A 293 8.97 20.43 2.69
N TYR A 294 9.38 20.07 1.47
CA TYR A 294 9.71 18.70 1.10
C TYR A 294 10.85 18.22 1.99
N LEU A 295 11.94 18.99 2.06
CA LEU A 295 13.13 18.61 2.81
C LEU A 295 12.76 18.39 4.29
N ASP A 296 11.98 19.30 4.86
CA ASP A 296 11.52 19.22 6.24
C ASP A 296 10.69 17.95 6.49
N HIS A 297 9.73 17.63 5.62
CA HIS A 297 8.83 16.51 5.87
C HIS A 297 9.47 15.18 5.47
N HIS A 298 10.38 15.21 4.50
CA HIS A 298 11.10 14.02 4.08
C HIS A 298 12.21 13.67 5.06
N GLY A 299 12.90 14.70 5.57
CA GLY A 299 14.06 14.50 6.43
C GLY A 299 15.38 14.49 5.65
N GLY A 300 15.43 15.19 4.52
CA GLY A 300 16.66 15.32 3.75
C GLY A 300 16.36 15.37 2.25
N PRO A 301 17.39 15.39 1.39
CA PRO A 301 17.19 15.39 -0.04
C PRO A 301 16.47 14.12 -0.48
N GLY A 302 15.68 14.22 -1.55
CA GLY A 302 15.06 13.04 -2.13
C GLY A 302 14.39 13.35 -3.47
N VAL A 303 13.82 12.29 -4.05
CA VAL A 303 12.98 12.40 -5.23
C VAL A 303 11.64 13.01 -4.83
N GLN A 304 11.38 14.21 -5.37
CA GLN A 304 10.12 14.90 -5.18
C GLN A 304 9.03 14.33 -6.09
N HIS A 305 9.28 14.22 -7.40
CA HIS A 305 8.27 13.69 -8.29
C HIS A 305 8.89 13.00 -9.51
N ILE A 306 8.06 12.14 -10.12
CA ILE A 306 8.41 11.37 -11.30
C ILE A 306 7.30 11.60 -12.32
N ALA A 307 7.70 11.97 -13.52
CA ALA A 307 6.75 12.23 -14.58
C ALA A 307 6.68 11.00 -15.48
N LEU A 308 5.45 10.54 -15.72
CA LEU A 308 5.15 9.41 -16.57
C LEU A 308 4.47 9.91 -17.85
N ALA A 309 5.07 9.58 -19.00
CA ALA A 309 4.60 10.05 -20.28
C ALA A 309 3.57 9.09 -20.88
N SER A 310 2.60 9.69 -21.58
CA SER A 310 1.53 8.97 -22.25
C SER A 310 1.42 9.55 -23.66
N ASP A 311 0.99 8.71 -24.62
CA ASP A 311 0.73 9.17 -25.97
C ASP A 311 -0.72 9.68 -26.08
N ASP A 312 -1.47 9.64 -24.98
CA ASP A 312 -2.81 10.19 -24.89
C ASP A 312 -3.11 10.47 -23.42
N VAL A 313 -2.52 11.54 -22.86
CA VAL A 313 -2.59 11.76 -21.43
C VAL A 313 -4.03 12.02 -20.99
N LEU A 314 -4.82 12.66 -21.85
CA LEU A 314 -6.20 12.93 -21.48
C LEU A 314 -6.95 11.61 -21.32
N GLY A 315 -6.68 10.65 -22.22
CA GLY A 315 -7.27 9.32 -22.13
C GLY A 315 -6.83 8.60 -20.85
N THR A 316 -5.51 8.64 -20.59
CA THR A 316 -4.92 8.06 -19.39
C THR A 316 -5.60 8.61 -18.14
N LEU A 317 -5.77 9.93 -18.08
CA LEU A 317 -6.23 10.62 -16.89
C LEU A 317 -7.68 10.23 -16.60
N ARG A 318 -8.52 10.16 -17.64
CA ARG A 318 -9.88 9.66 -17.46
C ARG A 318 -9.85 8.33 -16.72
N GLU A 319 -8.96 7.43 -17.15
CA GLU A 319 -8.88 6.09 -16.58
C GLU A 319 -8.43 6.21 -15.11
N MET A 320 -7.43 7.05 -14.85
CA MET A 320 -6.91 7.20 -13.49
C MET A 320 -7.97 7.78 -12.56
N ARG A 321 -8.77 8.72 -13.08
CA ARG A 321 -9.76 9.41 -12.28
C ARG A 321 -10.94 8.52 -11.92
N ALA A 322 -11.30 7.60 -12.83
CA ALA A 322 -12.31 6.60 -12.58
C ALA A 322 -11.96 5.75 -11.35
N ARG A 323 -10.67 5.67 -11.00
CA ARG A 323 -10.23 4.84 -9.88
C ARG A 323 -10.11 5.64 -8.59
N SER A 324 -10.28 6.98 -8.66
CA SER A 324 -10.03 7.87 -7.54
C SER A 324 -10.92 7.51 -6.34
N ALA A 325 -12.21 7.27 -6.60
CA ALA A 325 -13.16 7.05 -5.53
C ALA A 325 -12.83 5.79 -4.73
N MET A 326 -12.21 4.78 -5.37
CA MET A 326 -11.99 3.50 -4.72
C MET A 326 -10.51 3.27 -4.38
N GLY A 327 -9.77 4.37 -4.12
CA GLY A 327 -8.43 4.29 -3.56
C GLY A 327 -7.32 4.62 -4.56
N GLY A 328 -7.68 5.11 -5.76
CA GLY A 328 -6.68 5.61 -6.71
C GLY A 328 -6.05 6.93 -6.25
N PHE A 329 -5.27 7.56 -7.14
CA PHE A 329 -4.64 8.84 -6.84
C PHE A 329 -5.61 9.98 -7.08
N GLU A 330 -5.37 11.10 -6.39
CA GLU A 330 -6.12 12.32 -6.60
C GLU A 330 -5.18 13.36 -7.24
N PHE A 331 -5.75 14.39 -7.85
CA PHE A 331 -4.97 15.39 -8.55
C PHE A 331 -5.14 16.75 -7.89
N LEU A 332 -4.13 17.61 -8.05
CA LEU A 332 -4.25 18.99 -7.60
C LEU A 332 -5.39 19.67 -8.36
N ALA A 333 -6.07 20.58 -7.67
CA ALA A 333 -7.23 21.30 -8.20
C ALA A 333 -6.87 22.06 -9.47
N PRO A 334 -7.78 22.11 -10.47
CA PRO A 334 -7.49 22.85 -11.70
C PRO A 334 -7.23 24.33 -11.40
N PRO A 335 -6.48 25.06 -12.24
CA PRO A 335 -6.49 26.52 -12.16
C PRO A 335 -7.87 27.07 -12.48
N PRO A 336 -8.14 28.37 -12.20
CA PRO A 336 -9.44 28.94 -12.50
C PRO A 336 -9.71 29.07 -14.01
N PRO A 337 -10.98 29.33 -14.41
CA PRO A 337 -11.34 29.44 -15.83
C PRO A 337 -10.48 30.39 -16.66
N ASN A 338 -10.09 31.51 -16.06
CA ASN A 338 -9.34 32.55 -16.76
C ASN A 338 -8.00 31.98 -17.26
N TYR A 339 -7.42 31.02 -16.54
CA TYR A 339 -6.23 30.31 -16.99
C TYR A 339 -6.49 29.63 -18.34
N TYR A 340 -7.67 29.00 -18.48
CA TYR A 340 -8.00 28.24 -19.68
C TYR A 340 -8.39 29.19 -20.81
N ASP A 341 -8.88 30.39 -20.49
CA ASP A 341 -8.97 31.42 -21.52
C ASP A 341 -7.56 31.72 -22.03
N GLY A 342 -6.58 31.70 -21.11
CA GLY A 342 -5.17 31.80 -21.42
C GLY A 342 -4.68 30.71 -22.37
N VAL A 343 -5.06 29.44 -22.15
CA VAL A 343 -4.50 28.36 -22.97
C VAL A 343 -5.12 28.46 -24.38
N ARG A 344 -6.36 28.92 -24.48
CA ARG A 344 -7.00 29.14 -25.78
C ARG A 344 -6.23 30.17 -26.60
N ARG A 345 -5.78 31.27 -25.99
CA ARG A 345 -5.05 32.28 -26.75
C ARG A 345 -3.65 31.78 -27.10
N ARG A 346 -3.03 30.99 -26.20
CA ARG A 346 -1.63 30.61 -26.33
C ARG A 346 -1.47 29.38 -27.21
N ALA A 347 -2.46 28.48 -27.22
CA ALA A 347 -2.32 27.18 -27.87
C ALA A 347 -3.54 26.81 -28.72
N GLY A 348 -4.53 27.70 -28.85
CA GLY A 348 -5.74 27.41 -29.59
C GLY A 348 -5.50 27.07 -31.07
N ASP A 349 -4.32 27.40 -31.59
CA ASP A 349 -3.98 27.16 -32.99
C ASP A 349 -3.51 25.72 -33.21
N VAL A 350 -3.07 25.02 -32.16
CA VAL A 350 -2.48 23.69 -32.31
C VAL A 350 -3.25 22.63 -31.52
N LEU A 351 -4.20 23.04 -30.67
CA LEU A 351 -5.04 22.10 -29.93
C LEU A 351 -6.48 22.23 -30.41
N SER A 352 -7.19 21.11 -30.46
CA SER A 352 -8.62 21.14 -30.72
C SER A 352 -9.35 21.67 -29.49
N GLU A 353 -10.57 22.17 -29.69
CA GLU A 353 -11.42 22.61 -28.61
C GLU A 353 -11.70 21.44 -27.66
N GLU A 354 -11.80 20.23 -28.23
CA GLU A 354 -12.11 19.06 -27.44
C GLU A 354 -10.96 18.84 -26.45
N GLN A 355 -9.72 19.01 -26.93
CA GLN A 355 -8.54 18.82 -26.08
C GLN A 355 -8.45 19.90 -25.01
N ILE A 356 -8.71 21.14 -25.40
CA ILE A 356 -8.64 22.24 -24.46
C ILE A 356 -9.74 22.08 -23.41
N ASN A 357 -10.95 21.73 -23.85
CA ASN A 357 -12.09 21.54 -22.94
C ASN A 357 -11.78 20.42 -21.95
N GLU A 358 -11.11 19.35 -22.41
CA GLU A 358 -10.81 18.23 -21.55
C GLU A 358 -9.70 18.60 -20.57
N CYS A 359 -8.72 19.39 -21.03
CA CYS A 359 -7.70 19.92 -20.15
C CYS A 359 -8.37 20.66 -18.99
N GLN A 360 -9.39 21.47 -19.30
CA GLN A 360 -10.07 22.27 -18.29
C GLN A 360 -10.84 21.36 -17.31
N GLU A 361 -11.60 20.40 -17.87
CA GLU A 361 -12.32 19.43 -17.05
C GLU A 361 -11.37 18.75 -16.07
N LEU A 362 -10.14 18.45 -16.50
CA LEU A 362 -9.26 17.53 -15.76
C LEU A 362 -8.21 18.28 -14.95
N GLY A 363 -8.05 19.59 -15.17
CA GLY A 363 -7.03 20.38 -14.50
C GLY A 363 -5.63 20.17 -15.09
N VAL A 364 -5.56 19.82 -16.38
CA VAL A 364 -4.28 19.75 -17.09
C VAL A 364 -3.79 21.15 -17.41
N LEU A 365 -2.48 21.35 -17.25
CA LEU A 365 -1.80 22.59 -17.57
C LEU A 365 -1.13 22.44 -18.93
N VAL A 366 -1.21 23.51 -19.73
CA VAL A 366 -0.85 23.48 -21.15
C VAL A 366 0.20 24.53 -21.41
N ASP A 367 1.28 24.11 -22.07
CA ASP A 367 2.33 25.03 -22.46
C ASP A 367 2.79 24.69 -23.87
N ARG A 368 3.43 25.66 -24.51
CA ARG A 368 3.75 25.56 -25.92
C ARG A 368 4.97 26.42 -26.21
N ASP A 369 5.87 25.87 -27.03
CA ASP A 369 6.96 26.64 -27.63
C ASP A 369 6.85 26.45 -29.15
N ASP A 370 7.96 26.64 -29.87
CA ASP A 370 7.92 26.61 -31.33
C ASP A 370 7.98 25.17 -31.85
N GLN A 371 8.30 24.19 -30.99
CA GLN A 371 8.47 22.82 -31.42
C GLN A 371 7.38 21.92 -30.86
N GLY A 372 6.99 22.13 -29.60
CA GLY A 372 6.17 21.16 -28.89
C GLY A 372 5.11 21.79 -27.99
N VAL A 373 4.06 21.02 -27.74
CA VAL A 373 3.08 21.33 -26.71
C VAL A 373 3.30 20.36 -25.56
N LEU A 374 3.18 20.90 -24.34
CA LEU A 374 3.31 20.17 -23.08
C LEU A 374 1.95 20.12 -22.41
N LEU A 375 1.46 18.91 -22.12
CA LEU A 375 0.33 18.70 -21.23
C LEU A 375 0.87 18.06 -19.96
N GLN A 376 0.64 18.70 -18.81
CA GLN A 376 1.20 18.27 -17.53
C GLN A 376 0.17 18.43 -16.42
N ILE A 377 0.15 17.45 -15.51
CA ILE A 377 -0.70 17.49 -14.32
C ILE A 377 -0.01 16.72 -13.19
N PHE A 378 -0.21 17.21 -11.95
CA PHE A 378 0.39 16.64 -10.75
C PHE A 378 -0.67 15.94 -9.91
N THR A 379 -0.29 14.81 -9.30
CA THR A 379 -1.12 14.20 -8.29
C THR A 379 -0.92 14.97 -6.98
N LYS A 380 -1.90 14.83 -6.08
CA LYS A 380 -1.66 15.09 -4.67
C LYS A 380 -0.62 14.09 -4.18
N PRO A 381 0.01 14.33 -3.00
CA PRO A 381 1.00 13.39 -2.50
C PRO A 381 0.49 11.95 -2.51
N VAL A 382 1.38 11.05 -2.90
CA VAL A 382 1.02 9.67 -3.20
C VAL A 382 1.13 8.76 -1.97
N GLY A 383 1.83 9.21 -0.93
CA GLY A 383 1.85 8.56 0.37
C GLY A 383 1.32 9.50 1.46
N ASP A 384 1.61 9.19 2.74
CA ASP A 384 1.06 9.94 3.86
C ASP A 384 1.66 11.34 3.95
N ARG A 385 2.97 11.45 3.74
CA ARG A 385 3.68 12.71 3.91
C ARG A 385 3.48 13.59 2.69
N PRO A 386 3.42 14.94 2.83
CA PRO A 386 3.27 15.84 1.70
C PRO A 386 4.59 16.06 0.96
N THR A 387 5.19 14.95 0.50
CA THR A 387 6.53 14.97 -0.07
C THR A 387 6.46 14.47 -1.52
N PHE A 388 6.40 13.14 -1.69
CA PHE A 388 6.44 12.50 -3.00
C PHE A 388 5.10 12.57 -3.74
N PHE A 389 5.14 12.93 -5.03
CA PHE A 389 3.95 12.94 -5.88
C PHE A 389 4.34 12.49 -7.29
N LEU A 390 3.34 12.36 -8.17
CA LEU A 390 3.59 11.92 -9.52
C LEU A 390 3.06 12.96 -10.49
N GLU A 391 3.57 12.87 -11.73
CA GLU A 391 3.13 13.72 -12.82
C GLU A 391 2.78 12.83 -14.00
N MET A 392 1.68 13.18 -14.69
CA MET A 392 1.38 12.63 -15.99
C MET A 392 1.64 13.71 -17.04
N ILE A 393 2.35 13.36 -18.10
CA ILE A 393 2.75 14.33 -19.11
C ILE A 393 2.49 13.75 -20.49
N GLN A 394 2.12 14.64 -21.43
CA GLN A 394 2.19 14.33 -22.86
C GLN A 394 2.97 15.44 -23.55
N ARG A 395 3.91 15.04 -24.42
CA ARG A 395 4.65 15.94 -25.28
C ARG A 395 4.16 15.74 -26.71
N ILE A 396 3.69 16.82 -27.33
CA ILE A 396 3.13 16.74 -28.68
C ILE A 396 4.03 17.48 -29.65
N GLY A 397 4.55 16.76 -30.66
CA GLY A 397 5.37 17.34 -31.72
C GLY A 397 6.67 16.57 -31.93
N CYS A 398 7.58 17.19 -32.69
CA CYS A 398 8.94 16.70 -32.92
C CYS A 398 8.96 15.27 -33.47
N MET A 399 8.01 14.95 -34.36
CA MET A 399 7.94 13.64 -34.98
C MET A 399 8.91 13.60 -36.16
N GLU A 400 9.71 12.54 -36.22
CA GLU A 400 10.84 12.46 -37.15
C GLU A 400 11.06 11.00 -37.59
N GLN A 406 11.63 4.86 -39.77
CA GLN A 406 10.42 4.65 -38.94
C GLN A 406 9.98 5.99 -38.33
N GLU A 407 9.10 5.93 -37.32
CA GLU A 407 8.53 7.10 -36.68
C GLU A 407 8.97 7.16 -35.21
N TYR A 408 9.66 8.24 -34.83
CA TYR A 408 10.11 8.42 -33.45
C TYR A 408 9.94 9.89 -33.04
N GLN A 409 9.67 10.12 -31.75
CA GLN A 409 9.61 11.46 -31.19
C GLN A 409 10.98 11.84 -30.66
N LYS A 410 11.45 13.04 -31.02
CA LYS A 410 12.73 13.55 -30.52
C LYS A 410 12.61 13.74 -29.01
N GLY A 411 13.67 13.38 -28.27
CA GLY A 411 13.68 13.52 -26.82
C GLY A 411 13.56 14.99 -26.39
N GLY A 412 12.78 15.24 -25.33
CA GLY A 412 12.67 16.55 -24.72
C GLY A 412 11.78 17.51 -25.51
N CYS A 413 10.93 16.96 -26.38
CA CYS A 413 10.03 17.75 -27.22
C CYS A 413 9.16 18.70 -26.40
N GLY A 414 9.34 20.00 -26.62
CA GLY A 414 8.64 21.04 -25.88
C GLY A 414 9.45 21.52 -24.68
N GLY A 415 10.57 20.84 -24.40
CA GLY A 415 11.40 21.16 -23.25
C GLY A 415 10.61 21.13 -21.94
N PHE A 416 10.88 22.14 -21.11
CA PHE A 416 10.09 22.42 -19.92
C PHE A 416 9.55 23.83 -20.07
N GLY A 417 8.27 24.01 -19.74
CA GLY A 417 7.62 25.30 -19.91
C GLY A 417 7.62 26.13 -18.63
N LYS A 418 8.05 27.40 -18.76
CA LYS A 418 8.00 28.40 -17.70
C LYS A 418 6.57 28.56 -17.21
N GLY A 419 5.62 28.55 -18.15
CA GLY A 419 4.21 28.69 -17.81
C GLY A 419 3.74 27.55 -16.93
N ASN A 420 3.96 26.31 -17.38
CA ASN A 420 3.48 25.13 -16.68
C ASN A 420 4.18 25.05 -15.32
N PHE A 421 5.49 25.32 -15.30
CA PHE A 421 6.21 25.24 -14.03
C PHE A 421 5.60 26.25 -13.04
N SER A 422 5.35 27.50 -13.47
CA SER A 422 4.78 28.49 -12.59
C SER A 422 3.47 28.00 -11.99
N GLU A 423 2.61 27.36 -12.81
CA GLU A 423 1.29 26.94 -12.37
C GLU A 423 1.38 25.68 -11.49
N LEU A 424 2.30 24.78 -11.80
CA LEU A 424 2.56 23.65 -10.93
C LEU A 424 3.04 24.16 -9.57
N PHE A 425 3.97 25.12 -9.57
CA PHE A 425 4.50 25.67 -8.33
C PHE A 425 3.38 26.34 -7.53
N LYS A 426 2.49 27.04 -8.24
CA LYS A 426 1.40 27.75 -7.59
C LYS A 426 0.41 26.76 -6.98
N SER A 427 0.15 25.66 -7.69
CA SER A 427 -0.69 24.58 -7.20
C SER A 427 -0.17 24.03 -5.87
N ILE A 428 1.13 23.72 -5.80
CA ILE A 428 1.69 23.18 -4.58
C ILE A 428 1.51 24.18 -3.45
N GLU A 429 1.82 25.46 -3.71
CA GLU A 429 1.69 26.49 -2.69
C GLU A 429 0.23 26.56 -2.20
N GLU A 430 -0.74 26.43 -3.11
CA GLU A 430 -2.16 26.45 -2.78
C GLU A 430 -2.50 25.24 -1.91
N TYR A 431 -2.08 24.04 -2.37
CA TYR A 431 -2.22 22.81 -1.60
C TYR A 431 -1.70 23.00 -0.17
N GLU A 432 -0.48 23.49 -0.03
CA GLU A 432 0.11 23.67 1.29
C GLU A 432 -0.74 24.61 2.16
N LYS A 433 -1.35 25.62 1.53
CA LYS A 433 -2.11 26.62 2.28
C LYS A 433 -3.38 25.98 2.85
N SER A 434 -4.08 25.19 2.03
CA SER A 434 -5.24 24.42 2.46
C SER A 434 -4.89 23.58 3.70
N LEU A 435 -3.71 22.94 3.70
CA LEU A 435 -3.23 22.17 4.84
C LEU A 435 -3.09 23.04 6.09
N GLU A 436 -2.49 24.22 5.92
CA GLU A 436 -2.17 25.10 7.05
C GLU A 436 -3.42 25.74 7.64
N ALA A 437 -4.47 25.89 6.84
CA ALA A 437 -5.72 26.48 7.30
C ALA A 437 -6.38 25.60 8.37
N LYS A 438 -6.03 24.31 8.39
CA LYS A 438 -6.70 23.32 9.22
C LYS A 438 -6.02 23.20 10.58
N GLN A 439 -4.85 23.84 10.76
CA GLN A 439 -4.21 23.91 12.06
C GLN A 439 -5.04 24.85 12.95
N LEU B 28 -8.00 -29.18 26.44
CA LEU B 28 -8.94 -29.43 25.30
C LEU B 28 -9.47 -30.85 25.38
N VAL B 29 -10.65 -31.08 24.79
CA VAL B 29 -11.27 -32.39 24.73
C VAL B 29 -11.58 -32.75 23.29
N GLY B 30 -11.49 -31.77 22.38
CA GLY B 30 -11.81 -32.00 20.97
C GLY B 30 -13.20 -31.50 20.64
N HIS B 31 -13.44 -31.27 19.35
CA HIS B 31 -14.64 -30.60 18.88
C HIS B 31 -15.91 -31.38 19.22
N ARG B 32 -15.89 -32.71 19.02
CA ARG B 32 -17.07 -33.53 19.20
C ARG B 32 -17.48 -33.56 20.68
N ARG B 33 -16.50 -33.61 21.59
CA ARG B 33 -16.73 -33.81 23.01
C ARG B 33 -17.01 -32.49 23.75
N PHE B 34 -16.77 -31.35 23.09
CA PHE B 34 -17.06 -30.07 23.68
C PHE B 34 -18.58 -29.88 23.79
N VAL B 35 -19.08 -29.77 25.02
CA VAL B 35 -20.48 -29.44 25.25
C VAL B 35 -20.62 -27.92 25.23
N ARG B 36 -21.29 -27.40 24.20
CA ARG B 36 -21.57 -25.98 24.10
C ARG B 36 -22.43 -25.55 25.28
N ALA B 37 -22.03 -24.45 25.91
CA ALA B 37 -22.85 -23.74 26.88
C ALA B 37 -22.62 -22.25 26.68
N ASN B 38 -23.49 -21.42 27.27
CA ASN B 38 -23.31 -19.98 27.28
C ASN B 38 -23.72 -19.45 28.65
N PRO B 39 -22.77 -19.25 29.59
CA PRO B 39 -23.10 -18.70 30.91
C PRO B 39 -23.43 -17.20 30.91
N ARG B 40 -23.22 -16.52 29.78
CA ARG B 40 -23.34 -15.08 29.71
C ARG B 40 -22.55 -14.43 30.85
N SER B 41 -21.26 -14.71 30.90
CA SER B 41 -20.40 -14.29 32.00
C SER B 41 -19.57 -13.05 31.64
N ASP B 42 -19.90 -12.33 30.56
CA ASP B 42 -19.18 -11.11 30.22
C ASP B 42 -19.08 -10.18 31.42
N ARG B 43 -17.87 -9.63 31.66
CA ARG B 43 -17.63 -8.72 32.75
C ARG B 43 -17.94 -7.26 32.39
N PHE B 44 -18.23 -6.99 31.12
CA PHE B 44 -18.64 -5.67 30.68
C PHE B 44 -19.56 -5.86 29.49
N GLN B 45 -20.22 -4.79 29.06
CA GLN B 45 -21.09 -4.89 27.90
C GLN B 45 -20.28 -4.83 26.60
N ALA B 46 -19.97 -6.00 26.04
CA ALA B 46 -19.31 -6.11 24.75
C ALA B 46 -20.36 -6.15 23.65
N LEU B 47 -20.63 -4.98 23.05
CA LEU B 47 -21.80 -4.78 22.20
C LEU B 47 -21.54 -5.26 20.78
N ALA B 48 -20.32 -5.06 20.27
CA ALA B 48 -19.97 -5.35 18.88
C ALA B 48 -18.49 -5.09 18.66
N PHE B 49 -17.97 -5.63 17.54
CA PHE B 49 -16.72 -5.12 16.98
C PHE B 49 -16.94 -3.66 16.54
N HIS B 50 -16.02 -2.77 16.91
CA HIS B 50 -16.11 -1.38 16.52
C HIS B 50 -15.25 -1.15 15.28
N HIS B 51 -13.99 -1.62 15.33
CA HIS B 51 -13.08 -1.49 14.21
C HIS B 51 -11.86 -2.36 14.45
N VAL B 52 -11.06 -2.53 13.39
CA VAL B 52 -9.76 -3.14 13.53
C VAL B 52 -8.75 -2.16 12.97
N GLU B 53 -7.66 -1.92 13.69
CA GLU B 53 -6.66 -0.94 13.30
C GLU B 53 -5.38 -1.66 12.88
N LEU B 54 -4.97 -1.40 11.63
CA LEU B 54 -3.66 -1.80 11.13
C LEU B 54 -2.70 -0.63 11.30
N TRP B 55 -1.56 -0.93 11.92
CA TRP B 55 -0.43 -0.03 11.93
C TRP B 55 0.41 -0.32 10.69
N CYS B 56 0.73 0.76 9.94
CA CYS B 56 1.22 0.70 8.58
C CYS B 56 2.48 1.54 8.41
N ALA B 57 3.33 1.12 7.45
CA ALA B 57 4.42 1.93 6.94
C ALA B 57 3.85 3.19 6.28
N ASP B 58 2.81 3.00 5.47
CA ASP B 58 2.12 4.10 4.80
C ASP B 58 0.63 3.76 4.80
N ALA B 59 -0.15 4.59 5.50
CA ALA B 59 -1.58 4.36 5.63
C ALA B 59 -2.27 4.56 4.28
N ALA B 60 -1.81 5.53 3.48
CA ALA B 60 -2.44 5.82 2.20
C ALA B 60 -2.34 4.60 1.27
N SER B 61 -1.18 3.94 1.27
CA SER B 61 -0.96 2.79 0.40
C SER B 61 -1.86 1.63 0.79
N ALA B 62 -1.90 1.30 2.09
CA ALA B 62 -2.65 0.17 2.62
C ALA B 62 -4.16 0.37 2.46
N ALA B 63 -4.65 1.53 2.89
CA ALA B 63 -6.07 1.87 2.81
C ALA B 63 -6.55 1.91 1.36
N GLY B 64 -5.72 2.49 0.49
CA GLY B 64 -6.04 2.60 -0.93
C GLY B 64 -6.15 1.21 -1.57
N ARG B 65 -5.22 0.32 -1.22
CA ARG B 65 -5.27 -1.03 -1.75
C ARG B 65 -6.48 -1.78 -1.22
N PHE B 66 -6.70 -1.71 0.10
CA PHE B 66 -7.80 -2.42 0.75
C PHE B 66 -9.16 -1.90 0.24
N ALA B 67 -9.27 -0.59 -0.02
CA ALA B 67 -10.52 0.01 -0.47
C ALA B 67 -11.04 -0.66 -1.74
N PHE B 68 -10.15 -0.82 -2.72
CA PHE B 68 -10.46 -1.39 -4.03
C PHE B 68 -10.58 -2.91 -3.95
N ALA B 69 -9.71 -3.51 -3.14
CA ALA B 69 -9.65 -4.96 -3.01
C ALA B 69 -10.89 -5.51 -2.29
N LEU B 70 -11.41 -4.77 -1.30
CA LEU B 70 -12.52 -5.26 -0.48
C LEU B 70 -13.85 -4.59 -0.81
N GLY B 71 -13.83 -3.50 -1.58
CA GLY B 71 -15.04 -2.71 -1.76
C GLY B 71 -15.43 -2.04 -0.44
N ALA B 72 -14.44 -1.38 0.18
CA ALA B 72 -14.64 -0.64 1.41
C ALA B 72 -14.17 0.80 1.22
N PRO B 73 -15.04 1.72 0.77
CA PRO B 73 -14.65 3.10 0.46
C PRO B 73 -14.19 3.90 1.67
N LEU B 74 -13.29 4.86 1.44
CA LEU B 74 -12.85 5.78 2.48
C LEU B 74 -14.08 6.46 3.07
N ALA B 75 -14.19 6.41 4.40
CA ALA B 75 -15.32 7.01 5.11
C ALA B 75 -14.90 8.13 6.06
N ALA B 76 -13.64 8.15 6.51
CA ALA B 76 -13.22 9.13 7.48
C ALA B 76 -11.70 9.25 7.48
N ARG B 77 -11.21 10.46 7.79
CA ARG B 77 -9.77 10.69 7.85
C ARG B 77 -9.44 11.60 9.03
N SER B 78 -8.25 11.36 9.56
CA SER B 78 -7.64 12.21 10.56
C SER B 78 -6.14 12.23 10.29
N ASP B 79 -5.66 13.38 9.82
CA ASP B 79 -4.33 13.50 9.24
C ASP B 79 -4.01 14.99 9.07
N LEU B 80 -2.98 15.31 8.29
CA LEU B 80 -2.49 16.68 8.17
C LEU B 80 -3.60 17.58 7.63
N SER B 81 -4.44 17.03 6.73
CA SER B 81 -5.54 17.77 6.13
C SER B 81 -6.68 18.06 7.13
N THR B 82 -6.66 17.43 8.32
CA THR B 82 -7.69 17.69 9.33
C THR B 82 -7.08 18.36 10.55
N GLY B 83 -5.80 18.69 10.49
CA GLY B 83 -5.13 19.42 11.57
C GLY B 83 -4.36 18.49 12.50
N ASN B 84 -4.22 17.22 12.11
CA ASN B 84 -3.55 16.21 12.91
C ASN B 84 -2.16 16.00 12.33
N SER B 85 -1.15 16.46 13.07
CA SER B 85 0.24 16.32 12.66
C SER B 85 0.93 15.20 13.46
N ALA B 86 0.16 14.48 14.29
CA ALA B 86 0.72 13.42 15.12
C ALA B 86 0.64 12.08 14.40
N HIS B 87 -0.41 11.85 13.60
CA HIS B 87 -0.54 10.58 12.90
C HIS B 87 -1.44 10.73 11.68
N ALA B 88 -1.25 9.81 10.70
CA ALA B 88 -2.08 9.75 9.50
C ALA B 88 -2.99 8.52 9.59
N SER B 89 -4.30 8.78 9.73
CA SER B 89 -5.29 7.74 9.90
C SER B 89 -6.38 7.84 8.82
N LEU B 90 -6.70 6.68 8.22
CA LEU B 90 -7.71 6.55 7.19
C LEU B 90 -8.67 5.45 7.59
N LEU B 91 -9.98 5.74 7.52
CA LEU B 91 -10.97 4.75 7.89
C LEU B 91 -11.76 4.34 6.67
N LEU B 92 -11.75 3.02 6.38
CA LEU B 92 -12.58 2.41 5.36
C LEU B 92 -13.81 1.79 6.01
N ARG B 93 -14.94 1.83 5.29
CA ARG B 93 -16.17 1.20 5.76
C ARG B 93 -16.87 0.45 4.64
N SER B 94 -17.27 -0.78 4.95
CA SER B 94 -18.32 -1.46 4.23
C SER B 94 -19.37 -1.87 5.26
N ALA B 95 -20.49 -1.12 5.29
CA ALA B 95 -21.51 -1.23 6.31
C ALA B 95 -20.84 -1.18 7.69
N SER B 96 -20.90 -2.26 8.48
CA SER B 96 -20.31 -2.25 9.81
C SER B 96 -18.85 -2.69 9.81
N VAL B 97 -18.30 -3.07 8.64
CA VAL B 97 -16.87 -3.34 8.55
C VAL B 97 -16.18 -1.98 8.59
N ALA B 98 -15.27 -1.81 9.55
CA ALA B 98 -14.54 -0.56 9.71
C ALA B 98 -13.08 -0.88 9.93
N PHE B 99 -12.26 -0.65 8.90
CA PHE B 99 -10.82 -0.86 8.93
C PHE B 99 -10.10 0.49 9.10
N LEU B 100 -9.24 0.56 10.11
CA LEU B 100 -8.49 1.76 10.40
C LEU B 100 -7.03 1.51 10.02
N PHE B 101 -6.47 2.44 9.25
CA PHE B 101 -5.08 2.37 8.82
C PHE B 101 -4.38 3.62 9.35
N THR B 102 -3.37 3.41 10.19
CA THR B 102 -2.69 4.49 10.89
C THR B 102 -1.19 4.35 10.69
N ALA B 103 -0.54 5.48 10.37
CA ALA B 103 0.90 5.51 10.21
C ALA B 103 1.45 6.75 10.90
N PRO B 104 2.69 6.71 11.41
CA PRO B 104 3.33 7.88 11.97
C PRO B 104 3.83 8.83 10.89
N TYR B 105 3.87 10.12 11.24
CA TYR B 105 4.58 11.10 10.44
C TYR B 105 6.05 11.08 10.85
N GLY B 106 6.88 11.84 10.12
CA GLY B 106 8.31 11.91 10.35
C GLY B 106 8.64 12.30 11.77
N ALA B 116 1.37 16.46 18.31
CA ALA B 116 1.29 15.50 19.45
C ALA B 116 -0.03 15.67 20.19
N THR B 117 -0.30 16.92 20.59
CA THR B 117 -1.57 17.31 21.20
C THR B 117 -2.67 17.34 20.15
N THR B 118 -2.29 17.23 18.86
CA THR B 118 -3.23 17.26 17.74
C THR B 118 -3.72 15.85 17.40
N ALA B 119 -3.20 14.81 18.08
CA ALA B 119 -3.59 13.43 17.82
C ALA B 119 -5.08 13.27 18.07
N SER B 120 -5.78 12.57 17.17
CA SER B 120 -7.16 12.17 17.41
C SER B 120 -7.23 10.81 18.14
N ILE B 121 -6.13 10.05 18.15
CA ILE B 121 -6.07 8.81 18.90
C ILE B 121 -4.97 8.97 19.93
N PRO B 122 -5.30 9.34 21.19
CA PRO B 122 -4.27 9.72 22.16
C PRO B 122 -3.40 8.55 22.66
N SER B 123 -3.74 7.31 22.29
CA SER B 123 -2.94 6.15 22.65
C SER B 123 -1.80 5.96 21.66
N PHE B 124 -1.84 6.67 20.53
CA PHE B 124 -0.89 6.42 19.44
C PHE B 124 0.52 6.75 19.90
N SER B 125 1.45 5.84 19.58
CA SER B 125 2.86 6.04 19.84
C SER B 125 3.63 5.98 18.51
N PRO B 126 4.20 7.10 18.01
CA PRO B 126 4.93 7.08 16.75
C PRO B 126 6.08 6.07 16.72
N GLY B 127 6.86 6.05 17.80
CA GLY B 127 7.98 5.13 17.95
C GLY B 127 7.55 3.67 17.81
N ALA B 128 6.49 3.29 18.51
CA ALA B 128 5.97 1.94 18.47
C ALA B 128 5.42 1.63 17.08
N ALA B 129 4.76 2.60 16.44
CA ALA B 129 4.15 2.38 15.14
C ALA B 129 5.22 2.17 14.06
N ARG B 130 6.31 2.94 14.18
CA ARG B 130 7.46 2.83 13.28
C ARG B 130 8.09 1.45 13.44
N ARG B 131 8.36 1.06 14.71
CA ARG B 131 8.93 -0.26 15.00
C ARG B 131 8.04 -1.37 14.46
N PHE B 132 6.71 -1.19 14.57
CA PHE B 132 5.76 -2.23 14.20
C PHE B 132 5.87 -2.60 12.72
N ALA B 133 5.97 -1.56 11.87
CA ALA B 133 6.09 -1.75 10.43
C ALA B 133 7.34 -2.56 10.12
N ALA B 134 8.44 -2.19 10.77
CA ALA B 134 9.73 -2.87 10.63
C ALA B 134 9.63 -4.31 11.14
N ASP B 135 8.93 -4.50 12.27
CA ASP B 135 8.84 -5.82 12.91
C ASP B 135 7.97 -6.80 12.12
N HIS B 136 6.93 -6.34 11.41
CA HIS B 136 5.90 -7.26 10.93
C HIS B 136 5.50 -7.05 9.46
N GLY B 137 5.82 -5.88 8.88
CA GLY B 137 5.10 -5.45 7.70
C GLY B 137 3.65 -5.21 8.09
N LEU B 138 2.72 -5.33 7.13
CA LEU B 138 1.34 -4.97 7.39
C LEU B 138 0.73 -5.94 8.39
N ALA B 139 0.05 -5.41 9.41
CA ALA B 139 -0.49 -6.26 10.45
C ALA B 139 -1.41 -5.46 11.36
N VAL B 140 -2.14 -6.20 12.19
CA VAL B 140 -3.12 -5.62 13.11
C VAL B 140 -2.45 -5.17 14.40
N HIS B 141 -2.76 -3.92 14.78
CA HIS B 141 -2.34 -3.33 16.05
C HIS B 141 -3.44 -3.46 17.12
N ALA B 142 -4.67 -3.17 16.73
CA ALA B 142 -5.75 -3.11 17.71
C ALA B 142 -7.01 -3.79 17.17
N VAL B 143 -7.65 -4.55 18.06
CA VAL B 143 -8.99 -5.08 17.84
C VAL B 143 -9.91 -4.26 18.74
N ALA B 144 -10.83 -3.51 18.13
CA ALA B 144 -11.65 -2.57 18.87
C ALA B 144 -13.04 -3.13 19.10
N LEU B 145 -13.48 -3.10 20.36
CA LEU B 145 -14.83 -3.48 20.75
C LEU B 145 -15.62 -2.23 21.11
N ARG B 146 -16.84 -2.11 20.55
CA ARG B 146 -17.79 -1.16 21.08
C ARG B 146 -18.34 -1.70 22.41
N VAL B 147 -18.19 -0.89 23.48
CA VAL B 147 -18.66 -1.25 24.81
C VAL B 147 -19.61 -0.16 25.33
N ALA B 148 -20.33 -0.45 26.42
CA ALA B 148 -21.25 0.53 26.99
C ALA B 148 -20.47 1.72 27.50
N ASP B 149 -19.33 1.42 28.17
CA ASP B 149 -18.45 2.45 28.68
C ASP B 149 -17.02 1.93 28.77
N ALA B 150 -16.10 2.70 28.15
CA ALA B 150 -14.71 2.28 27.97
C ALA B 150 -14.02 2.16 29.33
N ALA B 151 -14.23 3.14 30.21
CA ALA B 151 -13.62 3.14 31.53
C ALA B 151 -14.06 1.91 32.33
N ASP B 152 -15.36 1.61 32.33
CA ASP B 152 -15.85 0.44 33.04
C ASP B 152 -15.27 -0.87 32.48
N ALA B 153 -15.19 -0.99 31.16
CA ALA B 153 -14.62 -2.19 30.57
C ALA B 153 -13.17 -2.34 31.02
N PHE B 154 -12.46 -1.20 31.04
CA PHE B 154 -11.06 -1.17 31.41
C PHE B 154 -10.90 -1.58 32.86
N ARG B 155 -11.69 -0.95 33.75
CA ARG B 155 -11.65 -1.22 35.17
C ARG B 155 -11.97 -2.69 35.46
N ALA B 156 -13.07 -3.19 34.88
CA ALA B 156 -13.49 -4.57 35.10
C ALA B 156 -12.44 -5.54 34.55
N SER B 157 -11.78 -5.18 33.45
CA SER B 157 -10.79 -6.07 32.83
C SER B 157 -9.54 -6.15 33.71
N VAL B 158 -9.07 -4.99 34.18
CA VAL B 158 -7.83 -4.92 34.94
C VAL B 158 -8.01 -5.54 36.34
N ALA B 159 -9.20 -5.40 36.94
CA ALA B 159 -9.48 -6.05 38.22
C ALA B 159 -9.45 -7.57 38.08
N ALA B 160 -9.70 -8.09 36.87
CA ALA B 160 -9.67 -9.52 36.62
C ALA B 160 -8.46 -9.91 35.78
N GLY B 161 -7.37 -9.16 35.89
CA GLY B 161 -6.04 -9.63 35.51
C GLY B 161 -5.50 -9.06 34.19
N ALA B 162 -6.30 -8.27 33.46
CA ALA B 162 -5.84 -7.64 32.23
C ALA B 162 -4.61 -6.77 32.48
N ARG B 163 -3.63 -6.85 31.57
CA ARG B 163 -2.50 -5.95 31.58
C ARG B 163 -2.90 -4.63 30.92
N PRO B 164 -2.86 -3.48 31.64
CA PRO B 164 -3.21 -2.20 31.04
C PRO B 164 -2.28 -1.81 29.89
N ALA B 165 -2.85 -1.15 28.88
CA ALA B 165 -2.08 -0.63 27.77
C ALA B 165 -2.28 0.87 27.67
N PHE B 166 -3.53 1.31 27.79
CA PHE B 166 -3.87 2.73 27.77
C PHE B 166 -4.98 3.00 28.78
N GLN B 167 -4.67 3.88 29.74
CA GLN B 167 -5.62 4.27 30.78
C GLN B 167 -6.78 5.00 30.11
N PRO B 168 -8.05 4.85 30.61
CA PRO B 168 -9.20 5.50 30.00
C PRO B 168 -9.04 7.00 29.79
N ALA B 169 -9.50 7.47 28.64
CA ALA B 169 -9.43 8.87 28.29
C ALA B 169 -10.78 9.30 27.74
N ASP B 170 -11.20 10.51 28.13
CA ASP B 170 -12.33 11.20 27.53
C ASP B 170 -11.84 11.81 26.21
N LEU B 171 -12.48 11.43 25.10
CA LEU B 171 -12.10 11.98 23.80
C LEU B 171 -12.95 13.20 23.48
N GLY B 172 -13.96 13.49 24.30
CA GLY B 172 -14.90 14.57 24.02
C GLY B 172 -16.13 14.03 23.29
N GLY B 173 -17.21 14.81 23.33
CA GLY B 173 -18.47 14.45 22.67
C GLY B 173 -19.10 13.17 23.21
N GLY B 174 -18.70 12.75 24.42
CA GLY B 174 -19.25 11.56 25.06
C GLY B 174 -18.51 10.28 24.69
N PHE B 175 -17.33 10.40 24.05
CA PHE B 175 -16.53 9.25 23.63
C PHE B 175 -15.55 8.88 24.73
N GLY B 176 -15.46 7.57 25.01
CA GLY B 176 -14.46 7.00 25.89
C GLY B 176 -13.53 6.04 25.12
N LEU B 177 -12.27 5.98 25.55
CA LEU B 177 -11.27 5.14 24.92
C LEU B 177 -10.35 4.53 25.98
N ALA B 178 -10.13 3.21 25.89
CA ALA B 178 -9.17 2.52 26.75
C ALA B 178 -8.66 1.26 26.06
N GLU B 179 -7.50 0.77 26.51
CA GLU B 179 -6.91 -0.39 25.87
C GLU B 179 -6.25 -1.28 26.91
N VAL B 180 -6.29 -2.60 26.66
CA VAL B 180 -5.56 -3.55 27.47
C VAL B 180 -4.85 -4.49 26.51
N GLU B 181 -3.91 -5.29 27.03
CA GLU B 181 -3.17 -6.20 26.18
C GLU B 181 -4.00 -7.43 25.87
N LEU B 182 -4.01 -7.84 24.60
CA LEU B 182 -4.77 -9.01 24.17
C LEU B 182 -3.84 -10.22 24.03
N TYR B 183 -2.92 -10.17 23.07
CA TYR B 183 -1.85 -11.14 22.93
C TYR B 183 -0.70 -10.45 22.19
N GLY B 184 0.53 -10.82 22.54
CA GLY B 184 1.70 -10.09 22.08
C GLY B 184 1.50 -8.59 22.25
N ASP B 185 1.77 -7.82 21.20
CA ASP B 185 1.63 -6.37 21.21
C ASP B 185 0.30 -5.93 20.60
N VAL B 186 -0.61 -6.88 20.33
CA VAL B 186 -1.97 -6.54 19.92
C VAL B 186 -2.78 -6.13 21.15
N VAL B 187 -3.48 -5.00 21.06
CA VAL B 187 -4.31 -4.51 22.15
C VAL B 187 -5.77 -4.78 21.84
N LEU B 188 -6.54 -4.96 22.91
CA LEU B 188 -7.98 -4.95 22.85
C LEU B 188 -8.42 -3.54 23.22
N ARG B 189 -9.09 -2.87 22.29
CA ARG B 189 -9.45 -1.47 22.44
C ARG B 189 -10.94 -1.40 22.78
N PHE B 190 -11.25 -0.57 23.79
CA PHE B 190 -12.63 -0.31 24.18
C PHE B 190 -13.02 1.08 23.68
N VAL B 191 -14.12 1.14 22.93
CA VAL B 191 -14.68 2.40 22.48
C VAL B 191 -16.13 2.50 22.97
N SER B 192 -16.46 3.61 23.64
CA SER B 192 -17.82 3.93 23.99
C SER B 192 -18.17 5.30 23.41
N HIS B 193 -19.43 5.46 22.99
CA HIS B 193 -19.91 6.75 22.53
C HIS B 193 -21.43 6.74 22.58
N PRO B 194 -22.08 7.93 22.61
CA PRO B 194 -23.53 8.01 22.54
C PRO B 194 -24.10 7.41 21.26
N ASP B 195 -25.36 6.94 21.32
CA ASP B 195 -26.07 6.50 20.12
C ASP B 195 -26.39 7.73 19.28
N GLY B 196 -26.34 7.56 17.95
CA GLY B 196 -26.51 8.67 17.03
C GLY B 196 -25.63 8.44 15.79
N ALA B 197 -26.23 8.65 14.61
CA ALA B 197 -25.58 8.35 13.34
C ALA B 197 -24.89 9.59 12.77
N ASP B 198 -24.97 10.72 13.49
CA ASP B 198 -24.18 11.90 13.18
C ASP B 198 -22.75 11.70 13.71
N ALA B 199 -22.61 10.75 14.65
CA ALA B 199 -21.39 10.54 15.40
C ALA B 199 -20.20 10.32 14.46
N PRO B 200 -19.08 11.05 14.64
CA PRO B 200 -17.86 10.79 13.89
C PRO B 200 -17.25 9.45 14.30
N PHE B 201 -16.41 8.84 13.46
CA PHE B 201 -15.73 7.61 13.84
C PHE B 201 -15.15 7.80 15.24
N LEU B 202 -14.37 8.88 15.39
CA LEU B 202 -13.88 9.36 16.66
C LEU B 202 -13.80 10.88 16.54
N PRO B 203 -13.95 11.65 17.65
CA PRO B 203 -13.77 13.10 17.57
C PRO B 203 -12.50 13.48 16.82
N GLY B 204 -12.60 14.45 15.90
CA GLY B 204 -11.45 14.91 15.13
C GLY B 204 -11.31 14.21 13.77
N PHE B 205 -12.06 13.12 13.57
CA PHE B 205 -12.12 12.51 12.25
C PHE B 205 -13.14 13.27 11.42
N GLU B 206 -12.80 13.53 10.16
CA GLU B 206 -13.66 14.22 9.22
C GLU B 206 -14.24 13.19 8.25
N GLY B 207 -15.52 13.32 7.94
CA GLY B 207 -16.20 12.38 7.05
C GLY B 207 -15.71 12.52 5.62
N VAL B 208 -15.84 11.43 4.86
CA VAL B 208 -15.54 11.36 3.44
C VAL B 208 -16.67 10.57 2.78
N SER B 209 -17.19 11.09 1.68
CA SER B 209 -18.02 10.29 0.79
C SER B 209 -17.62 10.60 -0.65
N ASN B 210 -16.89 9.65 -1.25
CA ASN B 210 -16.33 9.85 -2.58
C ASN B 210 -17.49 9.74 -3.56
N PRO B 211 -17.64 10.73 -4.47
CA PRO B 211 -18.49 10.55 -5.64
C PRO B 211 -18.21 9.24 -6.37
N GLY B 212 -19.20 8.34 -6.39
CA GLY B 212 -19.13 7.15 -7.22
C GLY B 212 -18.45 5.97 -6.54
N ALA B 213 -18.27 6.03 -5.22
CA ALA B 213 -17.72 4.91 -4.49
C ALA B 213 -18.78 3.81 -4.37
N VAL B 214 -18.31 2.55 -4.34
CA VAL B 214 -19.18 1.39 -4.26
C VAL B 214 -18.66 0.46 -3.16
N ASP B 215 -19.50 -0.47 -2.68
CA ASP B 215 -19.08 -1.53 -1.79
C ASP B 215 -19.37 -2.85 -2.50
N TYR B 216 -18.77 -3.95 -2.03
CA TYR B 216 -18.96 -5.25 -2.64
C TYR B 216 -19.85 -6.14 -1.76
N GLY B 217 -20.59 -5.54 -0.82
CA GLY B 217 -21.54 -6.28 0.01
C GLY B 217 -20.99 -6.78 1.35
N LEU B 218 -19.78 -6.39 1.76
CA LEU B 218 -19.30 -6.76 3.10
C LEU B 218 -20.14 -6.05 4.15
N ARG B 219 -20.51 -6.78 5.21
CA ARG B 219 -21.51 -6.32 6.16
C ARG B 219 -20.92 -6.07 7.54
N ARG B 220 -20.15 -7.05 8.06
CA ARG B 220 -19.67 -6.96 9.44
C ARG B 220 -18.42 -7.81 9.60
N PHE B 221 -17.67 -7.52 10.66
CA PHE B 221 -16.63 -8.42 11.15
C PHE B 221 -17.28 -9.65 11.75
N ASP B 222 -16.76 -10.83 11.42
CA ASP B 222 -17.31 -12.07 11.95
C ASP B 222 -16.44 -12.60 13.08
N HIS B 223 -15.13 -12.70 12.85
CA HIS B 223 -14.21 -13.12 13.90
C HIS B 223 -12.80 -12.63 13.64
N VAL B 224 -11.99 -12.62 14.70
CA VAL B 224 -10.61 -12.19 14.63
C VAL B 224 -9.76 -13.20 15.39
N VAL B 225 -8.76 -13.74 14.70
CA VAL B 225 -8.01 -14.91 15.15
C VAL B 225 -6.59 -14.51 15.52
N GLY B 226 -6.16 -14.96 16.70
CA GLY B 226 -4.80 -14.76 17.18
C GLY B 226 -3.99 -16.06 17.17
N ASN B 227 -2.72 -15.97 16.77
CA ASN B 227 -1.79 -17.08 16.89
C ASN B 227 -0.81 -16.80 18.03
N VAL B 228 -0.62 -17.79 18.90
CA VAL B 228 0.16 -17.63 20.12
C VAL B 228 0.99 -18.90 20.31
N PRO B 229 2.16 -18.85 20.97
CA PRO B 229 2.95 -20.06 21.22
C PRO B 229 2.25 -21.08 22.11
N GLU B 230 1.55 -20.59 23.14
CA GLU B 230 0.89 -21.43 24.12
C GLU B 230 -0.55 -20.98 24.33
N LEU B 231 -1.50 -21.86 24.01
CA LEU B 231 -2.92 -21.50 24.02
C LEU B 231 -3.46 -21.35 25.44
N ALA B 232 -3.18 -22.31 26.32
CA ALA B 232 -3.86 -22.36 27.61
C ALA B 232 -3.64 -21.09 28.43
N PRO B 233 -2.41 -20.54 28.59
CA PRO B 233 -2.25 -19.28 29.32
C PRO B 233 -3.00 -18.10 28.72
N VAL B 234 -3.08 -18.02 27.38
CA VAL B 234 -3.73 -16.89 26.72
C VAL B 234 -5.24 -17.01 26.83
N ALA B 235 -5.78 -18.21 26.58
CA ALA B 235 -7.21 -18.46 26.74
C ALA B 235 -7.67 -18.12 28.16
N ALA B 236 -6.91 -18.55 29.16
CA ALA B 236 -7.27 -18.29 30.56
C ALA B 236 -7.23 -16.79 30.86
N TYR B 237 -6.21 -16.11 30.32
CA TYR B 237 -6.00 -14.69 30.52
C TYR B 237 -7.18 -13.92 29.93
N ILE B 238 -7.53 -14.23 28.67
CA ILE B 238 -8.57 -13.45 27.99
C ILE B 238 -9.93 -13.80 28.56
N SER B 239 -10.28 -15.09 28.64
CA SER B 239 -11.54 -15.48 29.25
C SER B 239 -11.62 -14.92 30.67
N GLY B 240 -10.52 -15.00 31.42
CA GLY B 240 -10.43 -14.44 32.74
C GLY B 240 -10.90 -12.98 32.81
N PHE B 241 -10.29 -12.09 32.02
CA PHE B 241 -10.50 -10.66 32.21
C PHE B 241 -11.75 -10.18 31.46
N THR B 242 -12.21 -10.90 30.42
CA THR B 242 -13.39 -10.49 29.69
C THR B 242 -14.66 -11.15 30.24
N GLY B 243 -14.54 -12.38 30.78
CA GLY B 243 -15.70 -13.21 31.04
C GLY B 243 -16.26 -13.85 29.75
N PHE B 244 -15.55 -13.69 28.62
CA PHE B 244 -15.93 -14.36 27.40
C PHE B 244 -15.85 -15.86 27.61
N HIS B 245 -16.78 -16.58 26.99
CA HIS B 245 -16.96 -17.98 27.28
C HIS B 245 -16.48 -18.79 26.08
N GLU B 246 -16.22 -20.10 26.29
CA GLU B 246 -15.80 -20.96 25.20
C GLU B 246 -16.99 -21.21 24.28
N PHE B 247 -16.76 -20.96 22.98
CA PHE B 247 -17.77 -21.12 21.94
C PHE B 247 -17.54 -22.43 21.18
N ALA B 248 -16.27 -22.78 20.97
CA ALA B 248 -15.87 -23.96 20.21
C ALA B 248 -14.41 -24.30 20.50
N GLU B 249 -13.99 -25.52 20.14
CA GLU B 249 -12.59 -25.90 20.21
C GLU B 249 -12.27 -26.95 19.14
N PHE B 250 -10.98 -27.01 18.82
CA PHE B 250 -10.46 -27.90 17.79
C PHE B 250 -9.05 -28.34 18.19
N THR B 251 -8.81 -29.66 18.22
CA THR B 251 -7.49 -30.23 18.41
C THR B 251 -6.86 -30.58 17.07
N ALA B 252 -5.61 -31.03 17.10
CA ALA B 252 -4.91 -31.47 15.90
C ALA B 252 -5.67 -32.60 15.20
N GLU B 253 -6.30 -33.50 15.98
CA GLU B 253 -6.99 -34.64 15.39
C GLU B 253 -8.24 -34.18 14.66
N ASP B 254 -8.79 -33.02 15.04
CA ASP B 254 -9.96 -32.46 14.39
C ASP B 254 -9.60 -31.89 13.02
N VAL B 255 -8.53 -31.09 12.93
CA VAL B 255 -8.33 -30.22 11.76
C VAL B 255 -6.95 -30.38 11.13
N GLY B 256 -6.05 -31.14 11.75
CA GLY B 256 -4.68 -31.22 11.26
C GLY B 256 -4.55 -32.17 10.06
N THR B 257 -3.32 -32.28 9.55
CA THR B 257 -3.00 -33.24 8.51
C THR B 257 -2.15 -34.34 9.15
N ALA B 258 -1.80 -35.34 8.33
CA ALA B 258 -0.86 -36.37 8.72
C ALA B 258 0.46 -35.77 9.17
N GLU B 259 0.76 -34.56 8.66
CA GLU B 259 2.09 -33.99 8.78
C GLU B 259 2.16 -32.85 9.82
N SER B 260 1.04 -32.17 10.10
CA SER B 260 1.09 -31.04 11.02
C SER B 260 -0.28 -30.80 11.67
N GLY B 261 -0.31 -29.89 12.64
CA GLY B 261 -1.55 -29.58 13.32
C GLY B 261 -1.49 -28.26 14.07
N LEU B 262 -2.61 -27.98 14.74
CA LEU B 262 -2.76 -26.89 15.68
C LEU B 262 -3.80 -27.32 16.72
N ASN B 263 -3.91 -26.53 17.80
CA ASN B 263 -5.07 -26.58 18.67
C ASN B 263 -5.70 -25.19 18.70
N SER B 264 -7.03 -25.15 18.87
CA SER B 264 -7.77 -23.91 18.78
C SER B 264 -8.87 -23.87 19.83
N VAL B 265 -9.09 -22.69 20.42
CA VAL B 265 -10.29 -22.41 21.19
C VAL B 265 -10.86 -21.07 20.72
N VAL B 266 -12.19 -20.97 20.69
CA VAL B 266 -12.87 -19.73 20.35
C VAL B 266 -13.58 -19.20 21.59
N LEU B 267 -13.32 -17.93 21.91
CA LEU B 267 -13.96 -17.24 23.02
C LEU B 267 -15.05 -16.33 22.44
N ALA B 268 -16.15 -16.16 23.19
CA ALA B 268 -17.30 -15.43 22.68
C ALA B 268 -17.91 -14.55 23.76
N ASN B 269 -18.49 -13.42 23.31
CA ASN B 269 -19.27 -12.57 24.19
C ASN B 269 -20.65 -13.18 24.40
N ASN B 270 -21.50 -12.54 25.21
CA ASN B 270 -22.75 -13.12 25.65
C ASN B 270 -23.64 -13.44 24.45
N ALA B 271 -23.69 -12.54 23.47
CA ALA B 271 -24.55 -12.68 22.31
C ALA B 271 -23.86 -13.50 21.21
N GLU B 272 -22.57 -13.81 21.41
CA GLU B 272 -21.84 -14.65 20.47
C GLU B 272 -21.79 -13.98 19.10
N THR B 273 -21.64 -12.64 19.12
CA THR B 273 -21.44 -11.79 17.96
C THR B 273 -19.97 -11.39 17.85
N VAL B 274 -19.29 -11.34 19.00
CA VAL B 274 -17.87 -11.07 19.04
C VAL B 274 -17.17 -12.39 19.31
N LEU B 275 -16.40 -12.86 18.32
CA LEU B 275 -15.80 -14.19 18.34
C LEU B 275 -14.30 -14.05 18.14
N LEU B 276 -13.52 -14.63 19.07
CA LEU B 276 -12.07 -14.48 19.08
C LEU B 276 -11.44 -15.86 19.16
N PRO B 277 -11.22 -16.55 18.00
CA PRO B 277 -10.40 -17.75 17.97
C PRO B 277 -8.95 -17.48 18.38
N LEU B 278 -8.33 -18.51 18.99
CA LEU B 278 -6.93 -18.51 19.36
C LEU B 278 -6.31 -19.83 18.90
N ASN B 279 -5.17 -19.77 18.21
CA ASN B 279 -4.50 -20.98 17.73
C ASN B 279 -3.13 -21.09 18.36
N GLU B 280 -2.72 -22.32 18.71
CA GLU B 280 -1.33 -22.62 19.03
C GLU B 280 -0.83 -23.71 18.09
N PRO B 281 0.48 -23.77 17.78
CA PRO B 281 1.02 -24.90 17.03
C PRO B 281 0.99 -26.18 17.85
N VAL B 282 1.12 -27.33 17.19
CA VAL B 282 1.48 -28.55 17.88
C VAL B 282 2.87 -28.92 17.38
N HIS B 283 3.72 -29.38 18.31
CA HIS B 283 5.11 -29.67 17.98
C HIS B 283 5.28 -31.18 17.78
N GLY B 284 6.49 -31.57 17.35
CA GLY B 284 6.86 -32.97 17.23
C GLY B 284 6.24 -33.65 16.01
N THR B 285 5.74 -32.87 15.04
CA THR B 285 5.11 -33.46 13.87
C THR B 285 6.14 -33.54 12.74
N LYS B 286 5.75 -34.20 11.65
CA LYS B 286 6.60 -34.40 10.49
C LYS B 286 7.03 -33.03 9.96
N ARG B 287 6.06 -32.13 9.78
CA ARG B 287 6.33 -30.77 9.33
C ARG B 287 6.20 -29.78 10.47
N ARG B 288 6.55 -28.53 10.18
CA ARG B 288 6.31 -27.42 11.10
C ARG B 288 4.87 -26.95 10.91
N SER B 289 4.22 -26.64 12.03
CA SER B 289 2.87 -26.12 12.05
C SER B 289 2.87 -24.73 11.41
N GLN B 290 1.82 -24.46 10.61
CA GLN B 290 1.63 -23.18 9.97
C GLN B 290 1.49 -22.05 10.99
N ILE B 291 1.05 -22.39 12.22
CA ILE B 291 0.94 -21.43 13.30
C ILE B 291 2.33 -21.08 13.83
N GLN B 292 3.25 -22.04 13.85
CA GLN B 292 4.63 -21.77 14.25
C GLN B 292 5.35 -20.98 13.14
N THR B 293 5.10 -21.35 11.88
CA THR B 293 5.60 -20.59 10.74
C THR B 293 5.22 -19.11 10.92
N TYR B 294 3.95 -18.86 11.26
CA TYR B 294 3.44 -17.52 11.50
C TYR B 294 4.29 -16.84 12.58
N LEU B 295 4.43 -17.48 13.74
CA LEU B 295 5.15 -16.86 14.85
C LEU B 295 6.57 -16.53 14.41
N ASP B 296 7.20 -17.43 13.63
CA ASP B 296 8.56 -17.24 13.17
C ASP B 296 8.63 -16.04 12.23
N HIS B 297 7.75 -15.99 11.24
CA HIS B 297 7.80 -14.95 10.21
C HIS B 297 7.31 -13.60 10.76
N HIS B 298 6.29 -13.61 11.62
CA HIS B 298 5.70 -12.39 12.16
C HIS B 298 6.63 -11.76 13.20
N GLY B 299 7.33 -12.61 13.96
CA GLY B 299 8.21 -12.15 15.02
C GLY B 299 7.51 -12.12 16.38
N GLY B 300 6.49 -12.96 16.55
CA GLY B 300 5.80 -13.06 17.83
C GLY B 300 4.32 -13.32 17.62
N PRO B 301 3.52 -13.30 18.72
CA PRO B 301 2.07 -13.45 18.58
C PRO B 301 1.44 -12.32 17.78
N GLY B 302 0.29 -12.60 17.16
CA GLY B 302 -0.45 -11.55 16.47
C GLY B 302 -1.72 -12.10 15.85
N VAL B 303 -2.46 -11.21 15.16
CA VAL B 303 -3.66 -11.58 14.43
C VAL B 303 -3.26 -12.33 13.16
N GLN B 304 -3.75 -13.56 13.02
CA GLN B 304 -3.49 -14.36 11.83
C GLN B 304 -4.44 -13.91 10.73
N HIS B 305 -5.73 -13.88 11.04
CA HIS B 305 -6.70 -13.50 10.03
C HIS B 305 -7.93 -12.87 10.66
N ILE B 306 -8.65 -12.14 9.80
CA ILE B 306 -9.89 -11.46 10.12
C ILE B 306 -10.92 -11.94 9.11
N ALA B 307 -12.09 -12.33 9.62
CA ALA B 307 -13.16 -12.83 8.79
C ALA B 307 -14.20 -11.73 8.63
N LEU B 308 -14.56 -11.47 7.37
CA LEU B 308 -15.52 -10.44 7.02
C LEU B 308 -16.77 -11.11 6.47
N ALA B 309 -17.91 -10.91 7.16
CA ALA B 309 -19.17 -11.53 6.77
C ALA B 309 -19.82 -10.72 5.67
N SER B 310 -20.54 -11.43 4.80
CA SER B 310 -21.36 -10.82 3.77
C SER B 310 -22.69 -11.55 3.77
N ASP B 311 -23.74 -10.85 3.32
CA ASP B 311 -25.06 -11.45 3.18
C ASP B 311 -25.19 -12.08 1.79
N ASP B 312 -24.17 -11.94 0.93
CA ASP B 312 -24.10 -12.65 -0.34
C ASP B 312 -22.63 -12.76 -0.75
N VAL B 313 -21.92 -13.71 -0.15
CA VAL B 313 -20.47 -13.76 -0.26
C VAL B 313 -20.08 -14.12 -1.69
N LEU B 314 -20.91 -14.90 -2.38
CA LEU B 314 -20.64 -15.30 -3.75
C LEU B 314 -20.62 -14.06 -4.65
N GLY B 315 -21.58 -13.15 -4.43
CA GLY B 315 -21.58 -11.87 -5.13
C GLY B 315 -20.36 -11.02 -4.77
N THR B 316 -20.08 -10.92 -3.47
CA THR B 316 -18.91 -10.19 -2.98
C THR B 316 -17.64 -10.66 -3.70
N LEU B 317 -17.42 -11.99 -3.70
CA LEU B 317 -16.20 -12.59 -4.24
C LEU B 317 -16.05 -12.36 -5.73
N ARG B 318 -17.16 -12.36 -6.48
CA ARG B 318 -17.11 -12.03 -7.90
C ARG B 318 -16.49 -10.65 -8.10
N GLU B 319 -16.87 -9.67 -7.26
CA GLU B 319 -16.36 -8.31 -7.35
C GLU B 319 -14.88 -8.25 -6.96
N MET B 320 -14.51 -8.94 -5.88
CA MET B 320 -13.14 -8.90 -5.39
C MET B 320 -12.18 -9.55 -6.40
N ARG B 321 -12.64 -10.65 -7.02
CA ARG B 321 -11.85 -11.38 -7.99
C ARG B 321 -11.62 -10.55 -9.26
N ALA B 322 -12.57 -9.70 -9.61
CA ALA B 322 -12.44 -8.83 -10.78
C ALA B 322 -11.30 -7.82 -10.58
N ARG B 323 -10.94 -7.54 -9.32
CA ARG B 323 -9.93 -6.56 -8.96
C ARG B 323 -8.57 -7.22 -8.72
N SER B 324 -8.54 -8.56 -8.69
CA SER B 324 -7.34 -9.32 -8.39
C SER B 324 -6.19 -9.00 -9.35
N ALA B 325 -6.49 -8.81 -10.64
CA ALA B 325 -5.44 -8.66 -11.64
C ALA B 325 -4.72 -7.31 -11.47
N MET B 326 -5.45 -6.30 -10.97
CA MET B 326 -4.96 -4.93 -10.93
C MET B 326 -4.59 -4.49 -9.51
N GLY B 327 -4.17 -5.45 -8.66
CA GLY B 327 -3.57 -5.14 -7.37
C GLY B 327 -4.49 -5.47 -6.18
N GLY B 328 -5.61 -6.15 -6.46
CA GLY B 328 -6.49 -6.63 -5.39
C GLY B 328 -5.95 -7.92 -4.76
N PHE B 329 -6.81 -8.61 -4.01
CA PHE B 329 -6.39 -9.81 -3.29
C PHE B 329 -6.57 -11.05 -4.16
N GLU B 330 -5.76 -12.06 -3.87
CA GLU B 330 -5.89 -13.39 -4.46
C GLU B 330 -6.35 -14.37 -3.39
N PHE B 331 -6.81 -15.54 -3.85
CA PHE B 331 -7.41 -16.53 -3.00
C PHE B 331 -6.60 -17.83 -3.10
N LEU B 332 -6.60 -18.58 -1.99
CA LEU B 332 -5.88 -19.84 -1.94
C LEU B 332 -6.56 -20.82 -2.88
N ALA B 333 -5.76 -21.71 -3.47
CA ALA B 333 -6.20 -22.64 -4.49
C ALA B 333 -7.34 -23.50 -3.97
N PRO B 334 -8.43 -23.66 -4.75
CA PRO B 334 -9.60 -24.40 -4.26
C PRO B 334 -9.35 -25.89 -4.20
N PRO B 335 -10.19 -26.65 -3.47
CA PRO B 335 -10.12 -28.11 -3.49
C PRO B 335 -10.44 -28.66 -4.87
N PRO B 336 -10.15 -29.96 -5.15
CA PRO B 336 -10.45 -30.53 -6.46
C PRO B 336 -11.95 -30.64 -6.75
N PRO B 337 -12.37 -30.83 -8.03
CA PRO B 337 -13.79 -30.83 -8.39
C PRO B 337 -14.68 -31.79 -7.61
N ASN B 338 -14.11 -32.92 -7.13
CA ASN B 338 -14.87 -33.94 -6.41
C ASN B 338 -15.39 -33.41 -5.07
N TYR B 339 -14.65 -32.46 -4.48
CA TYR B 339 -15.10 -31.77 -3.28
C TYR B 339 -16.51 -31.25 -3.51
N TYR B 340 -16.75 -30.67 -4.69
CA TYR B 340 -18.00 -29.96 -4.95
C TYR B 340 -19.15 -30.94 -5.22
N ASP B 341 -18.83 -32.20 -5.55
CA ASP B 341 -19.84 -33.26 -5.57
C ASP B 341 -20.27 -33.55 -4.13
N GLY B 342 -19.31 -33.52 -3.20
CA GLY B 342 -19.60 -33.69 -1.78
C GLY B 342 -20.49 -32.56 -1.23
N VAL B 343 -20.26 -31.33 -1.70
CA VAL B 343 -21.04 -30.18 -1.26
C VAL B 343 -22.51 -30.40 -1.62
N ARG B 344 -22.77 -31.01 -2.79
CA ARG B 344 -24.13 -31.28 -3.21
C ARG B 344 -24.77 -32.24 -2.22
N ARG B 345 -24.09 -33.35 -1.94
CA ARG B 345 -24.57 -34.37 -1.01
C ARG B 345 -24.83 -33.75 0.36
N ARG B 346 -23.90 -32.93 0.85
CA ARG B 346 -23.91 -32.50 2.23
C ARG B 346 -24.85 -31.32 2.44
N ALA B 347 -25.05 -30.49 1.40
CA ALA B 347 -25.70 -29.21 1.59
C ALA B 347 -26.64 -28.85 0.43
N GLY B 348 -27.00 -29.85 -0.40
CA GLY B 348 -27.82 -29.65 -1.59
C GLY B 348 -29.28 -29.31 -1.27
N ASP B 349 -29.66 -29.48 0.00
CA ASP B 349 -31.01 -29.19 0.49
C ASP B 349 -31.15 -27.72 0.90
N VAL B 350 -30.01 -27.04 1.13
CA VAL B 350 -30.03 -25.62 1.49
C VAL B 350 -29.51 -24.77 0.32
N LEU B 351 -28.47 -25.26 -0.37
CA LEU B 351 -27.85 -24.52 -1.46
C LEU B 351 -28.39 -24.99 -2.80
N SER B 352 -28.73 -24.03 -3.67
CA SER B 352 -29.16 -24.31 -5.03
C SER B 352 -27.96 -24.80 -5.84
N GLU B 353 -28.22 -25.47 -6.97
CA GLU B 353 -27.17 -25.85 -7.88
C GLU B 353 -26.42 -24.61 -8.36
N GLU B 354 -27.13 -23.51 -8.59
CA GLU B 354 -26.51 -22.26 -8.98
C GLU B 354 -25.46 -21.84 -7.95
N GLN B 355 -25.77 -21.98 -6.66
CA GLN B 355 -24.85 -21.55 -5.61
C GLN B 355 -23.67 -22.49 -5.50
N ILE B 356 -23.94 -23.79 -5.66
CA ILE B 356 -22.89 -24.80 -5.53
C ILE B 356 -21.89 -24.65 -6.68
N ASN B 357 -22.39 -24.43 -7.91
CA ASN B 357 -21.54 -24.24 -9.06
C ASN B 357 -20.69 -22.98 -8.88
N GLU B 358 -21.29 -21.90 -8.36
CA GLU B 358 -20.57 -20.66 -8.09
C GLU B 358 -19.51 -20.90 -7.01
N CYS B 359 -19.82 -21.70 -5.99
CA CYS B 359 -18.84 -22.06 -4.98
C CYS B 359 -17.63 -22.72 -5.65
N GLN B 360 -17.91 -23.62 -6.61
CA GLN B 360 -16.83 -24.32 -7.30
C GLN B 360 -16.03 -23.33 -8.14
N GLU B 361 -16.72 -22.45 -8.89
CA GLU B 361 -16.04 -21.49 -9.74
C GLU B 361 -15.16 -20.57 -8.91
N LEU B 362 -15.62 -20.18 -7.70
CA LEU B 362 -14.93 -19.19 -6.90
C LEU B 362 -14.00 -19.83 -5.88
N GLY B 363 -14.06 -21.16 -5.73
CA GLY B 363 -13.18 -21.86 -4.80
C GLY B 363 -13.61 -21.76 -3.35
N VAL B 364 -14.92 -21.66 -3.10
CA VAL B 364 -15.45 -21.53 -1.75
C VAL B 364 -15.56 -22.89 -1.08
N LEU B 365 -15.35 -22.90 0.24
CA LEU B 365 -15.51 -24.07 1.08
C LEU B 365 -16.87 -24.00 1.75
N VAL B 366 -17.54 -25.17 1.85
CA VAL B 366 -18.89 -25.25 2.36
C VAL B 366 -18.95 -26.28 3.48
N ASP B 367 -19.57 -25.89 4.60
CA ASP B 367 -19.79 -26.76 5.73
C ASP B 367 -21.20 -26.51 6.25
N ARG B 368 -21.79 -27.51 6.92
CA ARG B 368 -23.14 -27.35 7.42
C ARG B 368 -23.29 -28.19 8.67
N ASP B 369 -24.19 -27.73 9.55
CA ASP B 369 -24.68 -28.53 10.66
C ASP B 369 -26.20 -28.38 10.69
N ASP B 370 -26.82 -28.71 11.82
CA ASP B 370 -28.26 -28.70 11.93
C ASP B 370 -28.80 -27.27 12.08
N GLN B 371 -27.95 -26.30 12.43
CA GLN B 371 -28.42 -24.93 12.58
C GLN B 371 -28.03 -24.10 11.34
N GLY B 372 -26.81 -24.26 10.79
CA GLY B 372 -26.37 -23.31 9.79
C GLY B 372 -25.51 -23.93 8.68
N VAL B 373 -25.39 -23.19 7.58
CA VAL B 373 -24.44 -23.46 6.52
C VAL B 373 -23.37 -22.37 6.56
N LEU B 374 -22.10 -22.79 6.45
CA LEU B 374 -20.94 -21.92 6.43
C LEU B 374 -20.32 -21.92 5.04
N LEU B 375 -20.23 -20.73 4.44
CA LEU B 375 -19.46 -20.52 3.23
C LEU B 375 -18.22 -19.72 3.62
N GLN B 376 -17.03 -20.26 3.31
CA GLN B 376 -15.80 -19.61 3.72
C GLN B 376 -14.76 -19.70 2.60
N ILE B 377 -13.92 -18.66 2.51
CA ILE B 377 -12.75 -18.68 1.65
C ILE B 377 -11.68 -17.79 2.28
N PHE B 378 -10.42 -18.15 1.99
CA PHE B 378 -9.25 -17.44 2.50
C PHE B 378 -8.44 -16.82 1.36
N THR B 379 -8.00 -15.58 1.58
CA THR B 379 -7.07 -14.91 0.71
C THR B 379 -5.67 -15.47 0.92
N LYS B 380 -4.82 -15.26 -0.10
CA LYS B 380 -3.38 -15.38 0.06
C LYS B 380 -2.95 -14.24 0.97
N PRO B 381 -1.72 -14.30 1.54
CA PRO B 381 -1.23 -13.22 2.37
C PRO B 381 -1.42 -11.84 1.74
N VAL B 382 -1.85 -10.93 2.60
CA VAL B 382 -2.28 -9.60 2.22
C VAL B 382 -1.14 -8.58 2.32
N GLY B 383 -0.04 -8.96 2.99
CA GLY B 383 1.19 -8.18 2.99
C GLY B 383 2.32 -8.97 2.31
N ASP B 384 3.58 -8.65 2.67
CA ASP B 384 4.72 -9.30 2.04
C ASP B 384 4.96 -10.69 2.63
N ARG B 385 4.78 -10.83 3.95
CA ARG B 385 5.11 -12.08 4.63
C ARG B 385 3.92 -13.05 4.61
N PRO B 386 4.17 -14.39 4.66
CA PRO B 386 3.09 -15.38 4.75
C PRO B 386 2.50 -15.48 6.16
N THR B 387 1.89 -14.37 6.61
CA THR B 387 1.43 -14.21 7.97
C THR B 387 -0.06 -13.86 7.93
N PHE B 388 -0.34 -12.56 7.79
CA PHE B 388 -1.70 -12.05 7.89
C PHE B 388 -2.47 -12.31 6.60
N PHE B 389 -3.69 -12.85 6.72
CA PHE B 389 -4.58 -12.99 5.57
C PHE B 389 -6.00 -12.66 6.01
N LEU B 390 -6.93 -12.64 5.04
CA LEU B 390 -8.31 -12.30 5.30
C LEU B 390 -9.18 -13.48 4.91
N GLU B 391 -10.43 -13.44 5.40
CA GLU B 391 -11.42 -14.46 5.14
C GLU B 391 -12.74 -13.76 4.83
N MET B 392 -13.43 -14.27 3.80
CA MET B 392 -14.80 -13.88 3.50
C MET B 392 -15.71 -15.03 3.88
N ILE B 393 -16.79 -14.74 4.61
CA ILE B 393 -17.67 -15.78 5.15
C ILE B 393 -19.12 -15.35 4.94
N GLN B 394 -20.00 -16.35 4.74
CA GLN B 394 -21.44 -16.17 4.86
C GLN B 394 -21.96 -17.28 5.77
N ARG B 395 -22.77 -16.88 6.76
CA ARG B 395 -23.50 -17.81 7.60
C ARG B 395 -24.96 -17.80 7.14
N ILE B 396 -25.49 -18.98 6.78
CA ILE B 396 -26.87 -19.12 6.36
C ILE B 396 -27.62 -19.90 7.44
N GLY B 397 -28.72 -19.33 7.95
CA GLY B 397 -29.57 -19.99 8.93
C GLY B 397 -29.87 -19.10 10.13
N CYS B 398 -30.43 -19.73 11.17
CA CYS B 398 -30.67 -19.15 12.49
C CYS B 398 -31.34 -17.78 12.42
N MET B 399 -32.34 -17.65 11.54
CA MET B 399 -33.12 -16.42 11.43
C MET B 399 -34.18 -16.38 12.53
N GLU B 400 -34.23 -15.25 13.25
CA GLU B 400 -35.11 -15.09 14.41
C GLU B 400 -35.67 -13.65 14.40
N TYR B 408 -33.51 -10.49 12.87
CA TYR B 408 -32.07 -10.60 13.26
C TYR B 408 -31.61 -12.04 13.04
N GLN B 409 -30.30 -12.22 12.77
CA GLN B 409 -29.68 -13.53 12.72
C GLN B 409 -28.97 -13.78 14.05
N LYS B 410 -29.07 -15.01 14.56
CA LYS B 410 -28.43 -15.37 15.82
C LYS B 410 -26.92 -15.37 15.63
N GLY B 411 -26.19 -14.84 16.61
CA GLY B 411 -24.73 -14.79 16.55
C GLY B 411 -24.15 -16.18 16.38
N GLY B 412 -23.13 -16.30 15.51
CA GLY B 412 -22.36 -17.52 15.37
C GLY B 412 -23.14 -18.68 14.75
N CYS B 413 -24.16 -18.35 13.95
CA CYS B 413 -24.97 -19.33 13.25
C CYS B 413 -24.07 -20.27 12.46
N GLY B 414 -24.17 -21.57 12.76
CA GLY B 414 -23.38 -22.60 12.09
C GLY B 414 -22.04 -22.84 12.79
N GLY B 415 -21.75 -22.05 13.83
CA GLY B 415 -20.54 -22.18 14.62
C GLY B 415 -19.28 -22.10 13.75
N PHE B 416 -18.36 -23.04 14.00
CA PHE B 416 -17.14 -23.19 13.22
C PHE B 416 -17.14 -24.59 12.65
N GLY B 417 -16.89 -24.70 11.33
CA GLY B 417 -17.00 -25.97 10.64
C GLY B 417 -15.69 -26.75 10.68
N LYS B 418 -15.72 -27.91 11.36
CA LYS B 418 -14.60 -28.83 11.40
C LYS B 418 -14.10 -29.15 9.98
N GLY B 419 -15.04 -29.37 9.07
CA GLY B 419 -14.73 -29.66 7.67
C GLY B 419 -14.04 -28.50 6.96
N ASN B 420 -14.61 -27.29 7.07
CA ASN B 420 -13.97 -26.11 6.52
C ASN B 420 -12.64 -25.86 7.24
N PHE B 421 -12.62 -26.01 8.57
CA PHE B 421 -11.38 -25.72 9.28
C PHE B 421 -10.27 -26.60 8.69
N SER B 422 -10.54 -27.91 8.56
CA SER B 422 -9.51 -28.84 8.11
C SER B 422 -9.09 -28.55 6.66
N GLU B 423 -10.00 -28.06 5.80
CA GLU B 423 -9.66 -27.64 4.45
C GLU B 423 -8.79 -26.38 4.45
N LEU B 424 -9.11 -25.40 5.30
CA LEU B 424 -8.32 -24.18 5.44
C LEU B 424 -6.91 -24.56 5.81
N PHE B 425 -6.79 -25.44 6.80
CA PHE B 425 -5.51 -25.82 7.34
C PHE B 425 -4.68 -26.53 6.27
N LYS B 426 -5.33 -27.45 5.53
CA LYS B 426 -4.68 -28.21 4.47
C LYS B 426 -4.18 -27.24 3.41
N SER B 427 -5.06 -26.30 3.04
CA SER B 427 -4.79 -25.20 2.14
C SER B 427 -3.49 -24.46 2.50
N ILE B 428 -3.39 -24.01 3.76
CA ILE B 428 -2.22 -23.28 4.19
C ILE B 428 -0.99 -24.19 4.12
N GLU B 429 -1.15 -25.46 4.52
CA GLU B 429 -0.02 -26.36 4.53
C GLU B 429 0.53 -26.51 3.11
N GLU B 430 -0.37 -26.69 2.13
CA GLU B 430 0.01 -26.82 0.72
C GLU B 430 0.69 -25.54 0.23
N TYR B 431 0.10 -24.37 0.56
CA TYR B 431 0.68 -23.09 0.20
C TYR B 431 2.13 -23.02 0.72
N GLU B 432 2.36 -23.40 1.98
CA GLU B 432 3.68 -23.35 2.58
C GLU B 432 4.66 -24.28 1.86
N LYS B 433 4.16 -25.41 1.37
CA LYS B 433 4.98 -26.37 0.65
C LYS B 433 5.47 -25.78 -0.67
N SER B 434 4.59 -25.06 -1.38
CA SER B 434 4.95 -24.42 -2.64
C SER B 434 6.12 -23.46 -2.42
N LEU B 435 6.01 -22.61 -1.39
CA LEU B 435 7.09 -21.74 -0.95
C LEU B 435 8.37 -22.54 -0.69
N GLU B 436 8.26 -23.65 0.03
CA GLU B 436 9.42 -24.48 0.34
C GLU B 436 10.02 -25.09 -0.93
N ALA B 437 9.18 -25.35 -1.95
CA ALA B 437 9.62 -26.02 -3.17
C ALA B 437 10.55 -25.15 -4.01
N LYS B 438 10.65 -23.87 -3.66
CA LYS B 438 11.38 -22.91 -4.49
C LYS B 438 12.68 -22.49 -3.81
N GLN B 439 12.99 -23.08 -2.65
CA GLN B 439 14.30 -22.90 -2.04
C GLN B 439 15.34 -23.73 -2.81
#